data_6WN3
#
_entry.id   6WN3
#
_cell.length_a   152.276
_cell.length_b   159.577
_cell.length_c   115.979
_cell.angle_alpha   90.000
_cell.angle_beta   90.000
_cell.angle_gamma   90.000
#
_symmetry.space_group_name_H-M   'C 2 2 2'
#
loop_
_entity.id
_entity.type
_entity.pdbx_description
1 polymer SxtT
2 non-polymer 'FE2/S2 (INORGANIC) CLUSTER'
3 non-polymer GLYCEROL
4 non-polymer 'FE (III) ION'
5 non-polymer 'SULFATE ION'
6 water water
#
_entity_poly.entity_id   1
_entity_poly.type   'polypeptide(L)'
_entity_poly.pdbx_seq_one_letter_code
;MTTADLILINNWHVVANVEDCKPGSITTARLLGVKLVLWRSQEQNSPIQVWQDYCPHRGVPLSMGEVANNTLVCPYHGWR
YNQAGKCVQIPAHPDMVPPASAQAKTYHCQERYGLVWVCLGNPVNDIPSFPEWDDPNYHKTYTKSYLIQASPFRVMDNSI
DVSHFPFIHDGWLGDRNYTKVEDFEVKVDKDGLTMGKYQFQTSRIVSHIEDDSWVNWFRLSHPLCQYCVSESPEMRIVDL
MTIAPIDEDNSVLRMLIMWNGSEMLESKMLTEYDETIEQDIRILHSQQPARLPLLAPKQINTQGLPQEIHVPSDRGTVAY
RRWLKELGVTYGVC
;
_entity_poly.pdbx_strand_id   A,B,C
#
loop_
_chem_comp.id
_chem_comp.type
_chem_comp.name
_chem_comp.formula
FE non-polymer 'FE (III) ION' 'Fe 3'
FES non-polymer 'FE2/S2 (INORGANIC) CLUSTER' 'Fe2 S2'
GOL non-polymer GLYCEROL 'C3 H8 O3'
SO4 non-polymer 'SULFATE ION' 'O4 S -2'
#
# COMPACT_ATOMS: atom_id res chain seq x y z
N THR A 2 2.24 19.50 -3.37
CA THR A 2 1.99 19.35 -1.92
C THR A 2 1.97 20.70 -1.23
N THR A 3 2.90 20.89 -0.29
CA THR A 3 2.93 22.05 0.63
C THR A 3 4.36 22.52 0.83
N ALA A 4 5.08 22.75 -0.27
CA ALA A 4 6.48 23.10 -0.26
C ALA A 4 6.67 24.58 0.10
N ASP A 5 7.94 24.96 0.26
CA ASP A 5 8.38 26.26 0.76
C ASP A 5 8.63 27.25 -0.36
N LEU A 6 9.04 28.47 0.02
CA LEU A 6 9.17 29.60 -0.90
C LEU A 6 10.41 29.48 -1.78
N ILE A 7 11.58 29.19 -1.19
CA ILE A 7 12.77 28.94 -1.97
C ILE A 7 12.59 27.77 -2.92
N LEU A 8 11.62 26.88 -2.64
CA LEU A 8 11.36 25.78 -3.56
C LEU A 8 10.33 26.17 -4.62
N ILE A 9 9.19 26.71 -4.20
CA ILE A 9 8.11 27.01 -5.14
C ILE A 9 8.57 28.07 -6.14
N ASN A 10 9.27 29.11 -5.66
CA ASN A 10 9.72 30.21 -6.51
C ASN A 10 11.08 29.97 -7.14
N ASN A 11 11.47 28.72 -7.36
CA ASN A 11 12.73 28.43 -8.01
C ASN A 11 12.50 27.57 -9.24
N TRP A 12 13.56 27.39 -10.03
CA TRP A 12 13.52 26.61 -11.25
C TRP A 12 14.01 25.19 -10.98
N HIS A 13 13.28 24.19 -11.50
CA HIS A 13 13.67 22.79 -11.34
C HIS A 13 13.57 22.06 -12.68
N VAL A 14 14.58 21.25 -12.99
CA VAL A 14 14.55 20.41 -14.18
C VAL A 14 13.54 19.29 -13.96
N VAL A 15 12.63 19.12 -14.92
CA VAL A 15 11.66 18.02 -14.87
C VAL A 15 11.78 17.07 -16.04
N ALA A 16 12.61 17.38 -17.04
CA ALA A 16 12.73 16.55 -18.24
C ALA A 16 13.94 16.97 -19.04
N ASN A 17 14.35 16.10 -19.96
CA ASN A 17 15.33 16.44 -20.98
C ASN A 17 14.56 16.91 -22.21
N VAL A 18 15.09 17.93 -22.89
CA VAL A 18 14.37 18.46 -24.05
C VAL A 18 14.17 17.37 -25.10
N GLU A 19 15.11 16.44 -25.20
CA GLU A 19 14.93 15.33 -26.14
C GLU A 19 13.77 14.43 -25.75
N ASP A 20 13.33 14.46 -24.48
CA ASP A 20 12.15 13.69 -24.07
C ASP A 20 10.85 14.23 -24.65
N CYS A 21 10.85 15.47 -25.15
N CYS A 21 10.85 15.46 -25.16
CA CYS A 21 9.64 16.19 -25.56
CA CYS A 21 9.63 16.18 -25.56
C CYS A 21 9.70 16.46 -27.05
C CYS A 21 9.70 16.46 -27.05
N LYS A 22 9.24 15.49 -27.84
CA LYS A 22 9.25 15.64 -29.29
C LYS A 22 8.05 16.48 -29.76
N PRO A 23 8.10 17.00 -30.99
CA PRO A 23 6.95 17.76 -31.50
C PRO A 23 5.68 16.92 -31.50
N GLY A 24 4.57 17.56 -31.13
CA GLY A 24 3.30 16.87 -31.02
C GLY A 24 3.15 15.91 -29.86
N SER A 25 4.12 15.84 -28.96
CA SER A 25 4.12 14.80 -27.92
C SER A 25 3.51 15.30 -26.62
N ILE A 26 3.08 14.33 -25.80
CA ILE A 26 2.65 14.56 -24.42
C ILE A 26 3.52 13.72 -23.50
N THR A 27 4.05 14.33 -22.44
CA THR A 27 4.74 13.55 -21.41
C THR A 27 4.33 14.10 -20.04
N THR A 28 4.73 13.39 -18.98
CA THR A 28 4.33 13.79 -17.64
C THR A 28 5.55 13.89 -16.74
N ALA A 29 5.35 14.58 -15.62
CA ALA A 29 6.34 14.63 -14.56
C ALA A 29 5.60 14.98 -13.27
N ARG A 30 6.31 14.89 -12.15
CA ARG A 30 5.78 15.33 -10.87
C ARG A 30 6.81 16.23 -10.19
N LEU A 31 6.35 17.33 -9.60
CA LEU A 31 7.26 18.30 -8.99
C LEU A 31 6.61 18.86 -7.74
N LEU A 32 7.27 18.69 -6.58
CA LEU A 32 6.78 19.25 -5.33
C LEU A 32 5.33 18.85 -5.07
N GLY A 33 5.02 17.58 -5.34
CA GLY A 33 3.67 17.09 -5.17
C GLY A 33 2.67 17.45 -6.25
N VAL A 34 3.07 18.21 -7.26
CA VAL A 34 2.17 18.62 -8.34
C VAL A 34 2.37 17.71 -9.55
N LYS A 35 1.28 17.20 -10.11
CA LYS A 35 1.35 16.43 -11.35
C LYS A 35 1.40 17.37 -12.54
N LEU A 36 2.37 17.14 -13.45
CA LEU A 36 2.61 18.04 -14.57
C LEU A 36 2.35 17.32 -15.90
N VAL A 37 1.81 18.05 -16.86
CA VAL A 37 1.76 17.58 -18.23
C VAL A 37 2.63 18.51 -19.08
N LEU A 38 3.46 17.92 -19.92
CA LEU A 38 4.33 18.67 -20.81
C LEU A 38 3.91 18.37 -22.24
N TRP A 39 3.68 19.41 -23.05
CA TRP A 39 3.25 19.11 -24.41
C TRP A 39 3.75 20.16 -25.40
N ARG A 40 3.82 19.76 -26.67
CA ARG A 40 4.28 20.61 -27.76
C ARG A 40 3.41 20.39 -28.97
N SER A 41 3.11 21.47 -29.71
CA SER A 41 2.50 21.31 -31.02
C SER A 41 3.48 20.65 -31.99
N GLN A 42 2.98 20.30 -33.17
CA GLN A 42 3.79 19.70 -34.23
C GLN A 42 4.69 20.69 -34.94
N GLU A 43 4.49 21.99 -34.75
CA GLU A 43 5.28 22.98 -35.49
C GLU A 43 6.77 22.86 -35.16
N GLN A 44 7.60 23.19 -36.15
CA GLN A 44 9.04 23.12 -35.94
C GLN A 44 9.45 24.08 -34.83
N ASN A 45 10.26 23.57 -33.91
CA ASN A 45 10.77 24.34 -32.78
C ASN A 45 9.65 24.93 -31.93
N SER A 46 8.50 24.25 -31.86
CA SER A 46 7.41 24.74 -31.04
C SER A 46 7.85 24.78 -29.58
N PRO A 47 7.28 25.69 -28.79
CA PRO A 47 7.62 25.77 -27.38
C PRO A 47 6.97 24.64 -26.60
N ILE A 48 7.53 24.38 -25.44
CA ILE A 48 7.02 23.38 -24.52
C ILE A 48 6.09 24.06 -23.52
N GLN A 49 4.86 23.56 -23.41
CA GLN A 49 3.95 23.98 -22.35
C GLN A 49 4.10 23.04 -21.16
N VAL A 50 4.05 23.60 -19.96
CA VAL A 50 4.09 22.79 -18.74
C VAL A 50 2.96 23.25 -17.85
N TRP A 51 1.97 22.38 -17.64
CA TRP A 51 0.76 22.73 -16.92
C TRP A 51 0.52 21.72 -15.81
N GLN A 52 -0.36 22.08 -14.89
CA GLN A 52 -0.86 21.07 -13.97
C GLN A 52 -1.71 20.08 -14.77
N ASP A 53 -1.51 18.78 -14.52
CA ASP A 53 -2.09 17.70 -15.33
C ASP A 53 -3.52 17.45 -14.87
N TYR A 54 -4.44 18.33 -15.30
CA TYR A 54 -5.75 18.36 -14.67
C TYR A 54 -6.73 19.22 -15.45
N CYS A 55 -7.82 18.62 -15.91
CA CYS A 55 -8.92 19.33 -16.54
C CYS A 55 -9.92 19.75 -15.47
N PRO A 56 -10.21 21.04 -15.30
CA PRO A 56 -11.07 21.48 -14.19
C PRO A 56 -12.54 21.18 -14.40
N HIS A 57 -12.92 20.62 -15.54
CA HIS A 57 -14.32 20.28 -15.75
C HIS A 57 -14.73 19.12 -14.85
N ARG A 58 -14.17 17.93 -15.07
CA ARG A 58 -14.49 16.76 -14.24
C ARG A 58 -13.23 16.04 -13.74
N GLY A 59 -12.10 16.74 -13.66
CA GLY A 59 -10.98 16.20 -12.89
C GLY A 59 -10.19 15.10 -13.55
N VAL A 60 -10.11 15.10 -14.88
CA VAL A 60 -9.40 14.09 -15.66
C VAL A 60 -8.01 14.61 -15.99
N PRO A 61 -6.97 13.78 -16.01
CA PRO A 61 -5.64 14.27 -16.40
C PRO A 61 -5.62 14.64 -17.88
N LEU A 62 -5.18 15.87 -18.18
CA LEU A 62 -5.04 16.29 -19.57
C LEU A 62 -4.02 15.43 -20.31
N SER A 63 -3.07 14.83 -19.59
CA SER A 63 -2.07 14.00 -20.26
C SER A 63 -2.69 12.74 -20.90
N MET A 64 -3.93 12.40 -20.56
CA MET A 64 -4.64 11.31 -21.24
C MET A 64 -5.26 11.73 -22.57
N GLY A 65 -5.10 12.99 -22.98
CA GLY A 65 -5.72 13.50 -24.19
C GLY A 65 -4.81 13.41 -25.40
N GLU A 66 -4.94 14.39 -26.29
CA GLU A 66 -4.14 14.43 -27.51
C GLU A 66 -3.87 15.87 -27.89
N VAL A 67 -2.76 16.09 -28.59
CA VAL A 67 -2.46 17.40 -29.18
C VAL A 67 -3.14 17.46 -30.52
N ALA A 68 -3.94 18.51 -30.73
CA ALA A 68 -4.59 18.79 -32.00
C ALA A 68 -4.26 20.21 -32.41
N ASN A 69 -3.54 20.36 -33.52
CA ASN A 69 -3.10 21.68 -34.00
C ASN A 69 -2.22 22.27 -32.90
N ASN A 70 -2.50 23.48 -32.42
CA ASN A 70 -1.79 24.09 -31.30
C ASN A 70 -2.63 24.04 -30.03
N THR A 71 -3.36 22.95 -29.79
CA THR A 71 -4.17 22.84 -28.58
C THR A 71 -4.01 21.45 -27.99
N LEU A 72 -4.23 21.37 -26.69
CA LEU A 72 -4.29 20.10 -25.96
C LEU A 72 -5.75 19.81 -25.65
N VAL A 73 -6.20 18.59 -25.97
CA VAL A 73 -7.62 18.24 -25.95
C VAL A 73 -7.87 17.18 -24.88
N CYS A 74 -8.73 17.50 -23.91
N CYS A 74 -8.72 17.49 -23.91
CA CYS A 74 -9.09 16.55 -22.85
CA CYS A 74 -9.02 16.53 -22.86
C CYS A 74 -9.84 15.36 -23.45
C CYS A 74 -9.84 15.36 -23.43
N PRO A 75 -9.51 14.13 -23.07
CA PRO A 75 -10.19 12.98 -23.68
C PRO A 75 -11.64 12.82 -23.24
N TYR A 76 -12.06 13.40 -22.11
CA TYR A 76 -13.37 13.01 -21.56
C TYR A 76 -14.52 13.69 -22.30
N HIS A 77 -14.52 15.03 -22.36
CA HIS A 77 -15.54 15.76 -23.13
C HIS A 77 -14.94 16.64 -24.21
N GLY A 78 -13.66 16.47 -24.54
CA GLY A 78 -13.10 17.10 -25.73
C GLY A 78 -12.81 18.58 -25.62
N TRP A 79 -12.82 19.15 -24.42
CA TRP A 79 -12.48 20.57 -24.29
C TRP A 79 -11.05 20.79 -24.76
N ARG A 80 -10.85 21.85 -25.54
CA ARG A 80 -9.54 22.14 -26.13
C ARG A 80 -8.94 23.38 -25.46
N TYR A 81 -7.64 23.30 -25.14
CA TYR A 81 -6.93 24.36 -24.44
C TYR A 81 -5.81 24.87 -25.34
N ASN A 82 -5.73 26.19 -25.53
CA ASN A 82 -4.67 26.71 -26.40
C ASN A 82 -3.34 26.77 -25.64
N GLN A 83 -2.29 27.30 -26.30
CA GLN A 83 -0.95 27.24 -25.69
C GLN A 83 -0.86 28.03 -24.40
N ALA A 84 -1.71 29.03 -24.21
CA ALA A 84 -1.77 29.78 -22.97
C ALA A 84 -2.65 29.13 -21.90
N GLY A 85 -3.19 27.94 -22.18
CA GLY A 85 -3.97 27.22 -21.19
C GLY A 85 -5.43 27.60 -21.16
N LYS A 86 -5.90 28.45 -22.06
CA LYS A 86 -7.29 28.87 -22.07
C LYS A 86 -8.13 27.89 -22.87
N CYS A 87 -9.30 27.54 -22.34
N CYS A 87 -9.29 27.52 -22.34
CA CYS A 87 -10.24 26.72 -23.09
CA CYS A 87 -10.19 26.68 -23.13
C CYS A 87 -10.81 27.52 -24.26
C CYS A 87 -10.79 27.51 -24.25
N VAL A 88 -10.62 27.05 -25.49
CA VAL A 88 -11.12 27.77 -26.66
C VAL A 88 -12.30 27.09 -27.31
N GLN A 89 -12.68 25.89 -26.86
CA GLN A 89 -13.76 25.19 -27.54
C GLN A 89 -14.37 24.17 -26.59
N ILE A 90 -15.68 24.21 -26.43
CA ILE A 90 -16.41 23.21 -25.65
C ILE A 90 -17.33 22.51 -26.65
N PRO A 91 -16.99 21.29 -27.10
CA PRO A 91 -17.69 20.71 -28.25
C PRO A 91 -19.17 20.53 -28.05
N ALA A 92 -19.63 20.31 -26.80
CA ALA A 92 -21.07 20.12 -26.57
C ALA A 92 -21.88 21.36 -26.91
N HIS A 93 -21.23 22.52 -26.89
CA HIS A 93 -21.88 23.81 -27.09
C HIS A 93 -21.00 24.64 -28.00
N PRO A 94 -20.96 24.30 -29.29
CA PRO A 94 -19.95 24.89 -30.19
C PRO A 94 -20.08 26.39 -30.41
N ASP A 95 -21.23 26.99 -30.13
CA ASP A 95 -21.41 28.43 -30.27
C ASP A 95 -21.36 29.14 -28.93
N MET A 96 -21.02 28.45 -27.86
CA MET A 96 -20.88 29.06 -26.55
C MET A 96 -19.47 29.59 -26.38
N VAL A 97 -19.37 30.76 -25.78
CA VAL A 97 -18.09 31.28 -25.31
C VAL A 97 -17.71 30.49 -24.08
N PRO A 98 -16.54 29.85 -24.03
CA PRO A 98 -16.17 29.12 -22.83
C PRO A 98 -16.10 30.05 -21.63
N PRO A 99 -16.52 29.60 -20.46
CA PRO A 99 -16.38 30.44 -19.28
C PRO A 99 -14.92 30.75 -19.01
N ALA A 100 -14.67 31.92 -18.43
CA ALA A 100 -13.29 32.31 -18.15
C ALA A 100 -12.62 31.35 -17.18
N SER A 101 -13.40 30.72 -16.29
CA SER A 101 -12.84 29.73 -15.37
C SER A 101 -12.29 28.52 -16.11
N ALA A 102 -12.68 28.30 -17.36
CA ALA A 102 -12.24 27.11 -18.08
C ALA A 102 -10.82 27.36 -18.60
N GLN A 103 -9.85 26.95 -17.80
CA GLN A 103 -8.47 27.23 -18.11
C GLN A 103 -7.58 26.28 -17.31
N ALA A 104 -6.49 25.84 -17.92
CA ALA A 104 -5.53 25.01 -17.23
C ALA A 104 -4.59 25.89 -16.40
N LYS A 105 -4.08 25.34 -15.31
CA LYS A 105 -3.09 26.06 -14.52
C LYS A 105 -1.74 25.90 -15.19
N THR A 106 -1.13 27.00 -15.63
CA THR A 106 0.11 26.95 -16.38
C THR A 106 1.27 27.40 -15.51
N TYR A 107 2.45 26.89 -15.82
CA TYR A 107 3.68 27.22 -15.10
C TYR A 107 4.72 27.77 -16.04
N HIS A 108 5.69 28.49 -15.46
CA HIS A 108 6.80 29.00 -16.26
C HIS A 108 7.70 27.85 -16.71
N CYS A 109 8.11 27.90 -17.98
CA CYS A 109 8.99 26.89 -18.55
C CYS A 109 10.11 27.55 -19.34
N GLN A 110 11.35 27.11 -19.13
CA GLN A 110 12.48 27.62 -19.91
C GLN A 110 13.37 26.44 -20.27
N GLU A 111 13.74 26.33 -21.56
CA GLU A 111 14.75 25.35 -21.96
C GLU A 111 16.14 25.94 -21.78
N ARG A 112 17.03 25.19 -21.13
CA ARG A 112 18.39 25.69 -20.88
C ARG A 112 19.30 24.48 -20.67
N TYR A 113 20.45 24.48 -21.36
CA TYR A 113 21.40 23.34 -21.33
C TYR A 113 20.76 22.05 -21.83
N GLY A 114 19.75 22.17 -22.69
CA GLY A 114 19.08 20.99 -23.18
C GLY A 114 18.13 20.34 -22.18
N LEU A 115 17.82 21.03 -21.09
CA LEU A 115 16.94 20.54 -20.03
C LEU A 115 15.71 21.44 -19.95
N VAL A 116 14.58 20.86 -19.53
CA VAL A 116 13.33 21.59 -19.36
C VAL A 116 13.25 22.07 -17.91
N TRP A 117 13.35 23.38 -17.70
CA TRP A 117 13.29 23.96 -16.36
C TRP A 117 11.89 24.51 -16.10
N VAL A 118 11.36 24.29 -14.89
CA VAL A 118 10.00 24.69 -14.55
C VAL A 118 9.99 25.47 -13.25
N CYS A 119 9.19 26.55 -13.22
CA CYS A 119 8.92 27.30 -11.99
C CYS A 119 7.43 27.24 -11.70
N LEU A 120 7.07 26.63 -10.56
CA LEU A 120 5.68 26.52 -10.15
C LEU A 120 5.16 27.79 -9.52
N GLY A 121 6.03 28.74 -9.18
CA GLY A 121 5.56 29.97 -8.57
C GLY A 121 5.93 31.20 -9.35
N ASN A 122 6.56 32.13 -8.65
CA ASN A 122 7.01 33.38 -9.26
C ASN A 122 8.53 33.32 -9.37
N PRO A 123 9.12 33.40 -10.58
N PRO A 123 9.05 33.26 -10.58
CA PRO A 123 10.57 33.04 -10.76
CA PRO A 123 10.50 33.19 -10.75
C PRO A 123 11.62 34.12 -10.44
C PRO A 123 11.12 34.45 -10.20
N VAL A 124 11.89 34.29 -9.14
CA VAL A 124 12.75 35.36 -8.68
C VAL A 124 14.22 35.01 -8.82
N ASN A 125 14.57 33.73 -8.94
CA ASN A 125 15.95 33.29 -9.07
C ASN A 125 16.28 32.98 -10.53
N ASP A 126 17.55 33.15 -10.90
CA ASP A 126 17.98 32.74 -12.22
C ASP A 126 18.24 31.23 -12.22
N ILE A 127 18.15 30.63 -13.41
CA ILE A 127 18.60 29.24 -13.55
C ILE A 127 20.08 29.16 -13.23
N PRO A 128 20.56 28.15 -12.49
CA PRO A 128 21.97 28.09 -12.13
C PRO A 128 22.89 28.18 -13.34
N SER A 129 24.08 28.79 -13.13
CA SER A 129 25.07 28.93 -14.19
C SER A 129 25.77 27.62 -14.49
N PHE A 130 26.17 27.44 -15.75
CA PHE A 130 26.92 26.25 -16.20
C PHE A 130 27.92 26.70 -17.25
N PRO A 131 29.07 27.22 -16.82
CA PRO A 131 29.92 28.00 -17.74
C PRO A 131 30.39 27.26 -18.98
N GLU A 132 30.60 25.95 -18.92
CA GLU A 132 31.17 25.21 -20.04
C GLU A 132 30.19 24.95 -21.18
N TRP A 133 28.90 25.25 -21.00
CA TRP A 133 27.87 24.85 -21.97
C TRP A 133 28.26 25.17 -23.41
N ASP A 134 28.61 26.43 -23.68
CA ASP A 134 28.97 26.86 -25.04
C ASP A 134 30.47 26.92 -25.26
N ASP A 135 31.27 26.34 -24.38
CA ASP A 135 32.72 26.30 -24.61
C ASP A 135 33.05 25.25 -25.68
N PRO A 136 33.56 25.67 -26.84
CA PRO A 136 33.80 24.71 -27.93
C PRO A 136 34.83 23.64 -27.59
N ASN A 137 35.61 23.81 -26.52
CA ASN A 137 36.56 22.79 -26.12
C ASN A 137 35.94 21.63 -25.38
N TYR A 138 34.67 21.71 -25.02
CA TYR A 138 34.03 20.68 -24.22
C TYR A 138 32.97 19.93 -25.03
N HIS A 139 32.90 18.62 -24.81
CA HIS A 139 31.81 17.78 -25.29
C HIS A 139 30.82 17.55 -24.16
N LYS A 140 29.64 17.07 -24.50
CA LYS A 140 28.59 16.90 -23.50
C LYS A 140 27.94 15.53 -23.66
N THR A 141 27.39 15.05 -22.54
CA THR A 141 26.52 13.88 -22.56
C THR A 141 25.60 13.95 -21.35
N TYR A 142 24.46 13.27 -21.44
CA TYR A 142 23.48 13.23 -20.38
C TYR A 142 23.33 11.79 -19.86
N THR A 143 23.30 11.62 -18.55
CA THR A 143 22.92 10.31 -18.01
C THR A 143 21.44 10.07 -18.22
N LYS A 144 21.04 8.82 -18.12
CA LYS A 144 19.62 8.59 -17.96
C LYS A 144 19.17 9.23 -16.65
N SER A 145 17.87 9.33 -16.49
N SER A 145 17.85 9.26 -16.45
CA SER A 145 17.33 9.74 -15.22
CA SER A 145 17.25 9.75 -15.22
C SER A 145 17.38 8.57 -14.25
C SER A 145 17.08 8.61 -14.23
N TYR A 146 17.39 8.89 -12.96
CA TYR A 146 17.38 7.89 -11.90
C TYR A 146 16.27 8.24 -10.92
N LEU A 147 15.27 7.36 -10.83
CA LEU A 147 14.23 7.53 -9.82
C LEU A 147 14.75 6.97 -8.50
N ILE A 148 14.73 7.79 -7.45
CA ILE A 148 15.36 7.43 -6.18
C ILE A 148 14.30 7.56 -5.09
N GLN A 149 14.08 6.47 -4.35
CA GLN A 149 13.13 6.50 -3.22
C GLN A 149 13.87 7.04 -1.99
N ALA A 150 14.20 8.32 -2.05
CA ALA A 150 14.79 9.03 -0.93
C ALA A 150 14.45 10.51 -1.05
N SER A 151 14.42 11.20 0.08
CA SER A 151 14.19 12.64 0.08
C SER A 151 15.18 13.33 -0.87
N PRO A 152 14.74 14.35 -1.62
CA PRO A 152 15.70 15.09 -2.47
C PRO A 152 16.84 15.70 -1.69
N PHE A 153 16.59 16.08 -0.43
CA PHE A 153 17.65 16.68 0.35
C PHE A 153 18.61 15.63 0.91
N ARG A 154 18.15 14.40 1.12
CA ARG A 154 19.10 13.33 1.38
C ARG A 154 19.92 13.03 0.12
N VAL A 155 19.29 13.09 -1.05
CA VAL A 155 20.05 12.87 -2.29
C VAL A 155 21.15 13.91 -2.44
N MET A 156 20.84 15.19 -2.22
CA MET A 156 21.90 16.21 -2.35
C MET A 156 22.94 16.09 -1.24
N ASP A 157 22.50 15.78 -0.02
CA ASP A 157 23.44 15.52 1.08
C ASP A 157 24.51 14.51 0.65
N ASN A 158 24.08 13.41 0.07
CA ASN A 158 25.02 12.38 -0.38
C ASN A 158 25.95 12.88 -1.47
N SER A 159 25.51 13.85 -2.28
N SER A 159 25.50 13.84 -2.29
CA SER A 159 26.36 14.38 -3.33
CA SER A 159 26.34 14.39 -3.35
C SER A 159 27.34 15.43 -2.83
C SER A 159 27.34 15.43 -2.83
N ILE A 160 27.06 16.04 -1.68
CA ILE A 160 28.00 16.98 -1.06
C ILE A 160 29.02 16.21 -0.21
N ASP A 161 28.62 15.05 0.29
CA ASP A 161 29.51 14.15 1.03
C ASP A 161 30.71 13.74 0.17
N VAL A 162 31.92 13.88 0.71
CA VAL A 162 33.12 13.43 0.02
C VAL A 162 33.85 12.28 0.72
N SER A 163 33.65 12.08 2.02
CA SER A 163 34.41 11.07 2.75
C SER A 163 34.03 9.64 2.38
N HIS A 164 32.90 9.42 1.70
CA HIS A 164 32.47 8.05 1.40
C HIS A 164 33.18 7.45 0.18
N PHE A 165 33.93 8.25 -0.57
CA PHE A 165 34.51 7.77 -1.82
C PHE A 165 35.29 6.46 -1.69
N PRO A 166 36.19 6.29 -0.71
CA PRO A 166 36.97 5.05 -0.69
C PRO A 166 36.19 3.85 -0.21
N PHE A 167 34.92 4.01 0.14
CA PHE A 167 34.17 2.89 0.67
C PHE A 167 33.15 2.43 -0.36
N ILE A 168 32.05 3.17 -0.55
CA ILE A 168 31.07 2.69 -1.53
C ILE A 168 31.54 2.92 -2.97
N HIS A 169 32.56 3.76 -3.20
CA HIS A 169 33.11 3.96 -4.55
C HIS A 169 34.53 3.42 -4.68
N ASP A 170 34.90 2.46 -3.82
CA ASP A 170 36.23 1.85 -3.90
C ASP A 170 36.48 1.31 -5.30
N GLY A 171 37.61 1.72 -5.89
CA GLY A 171 37.96 1.32 -7.24
C GLY A 171 37.50 2.25 -8.33
N TRP A 172 36.70 3.27 -8.00
CA TRP A 172 36.17 4.21 -8.98
C TRP A 172 36.54 5.65 -8.64
N LEU A 173 36.13 6.14 -7.47
CA LEU A 173 36.44 7.51 -7.04
C LEU A 173 37.32 7.54 -5.80
N GLY A 174 37.63 6.38 -5.22
CA GLY A 174 38.36 6.33 -3.98
C GLY A 174 39.16 5.05 -3.92
N ASP A 175 40.02 5.00 -2.92
CA ASP A 175 40.99 3.93 -2.75
C ASP A 175 40.94 3.49 -1.30
N ARG A 176 40.58 2.23 -1.06
CA ARG A 176 40.47 1.73 0.31
C ARG A 176 41.78 1.83 1.07
N ASN A 177 42.91 1.99 0.36
CA ASN A 177 44.20 2.23 1.01
C ASN A 177 44.36 3.66 1.48
N TYR A 178 43.69 4.61 0.82
CA TYR A 178 43.83 6.04 1.09
C TYR A 178 42.49 6.57 1.57
N THR A 179 42.22 6.41 2.86
CA THR A 179 40.93 6.77 3.42
C THR A 179 40.93 8.13 4.10
N LYS A 180 42.09 8.66 4.46
CA LYS A 180 42.13 9.94 5.13
C LYS A 180 41.58 11.02 4.23
N VAL A 181 40.81 11.93 4.82
CA VAL A 181 40.23 13.05 4.12
C VAL A 181 40.97 14.30 4.57
N GLU A 182 41.76 14.87 3.66
CA GLU A 182 42.48 16.09 3.98
C GLU A 182 41.52 17.24 4.27
N ASP A 183 42.02 18.28 4.92
CA ASP A 183 41.19 19.42 5.25
C ASP A 183 40.78 20.18 3.99
N PHE A 184 39.61 20.81 4.06
CA PHE A 184 39.12 21.64 2.97
C PHE A 184 38.26 22.74 3.56
N GLU A 185 37.97 23.74 2.73
CA GLU A 185 37.18 24.89 3.12
C GLU A 185 35.78 24.79 2.51
N VAL A 186 34.78 25.27 3.26
CA VAL A 186 33.44 25.47 2.74
C VAL A 186 32.95 26.83 3.21
N LYS A 187 32.27 27.56 2.32
CA LYS A 187 31.66 28.83 2.67
C LYS A 187 30.21 28.83 2.20
N VAL A 188 29.35 29.41 3.02
CA VAL A 188 27.96 29.68 2.66
C VAL A 188 27.78 31.18 2.70
N ASP A 189 27.52 31.77 1.53
CA ASP A 189 27.30 33.24 1.49
C ASP A 189 26.06 33.52 0.64
N LYS A 190 26.09 34.58 -0.15
CA LYS A 190 24.98 34.93 -1.03
C LYS A 190 25.08 34.24 -2.39
N ASP A 191 26.23 33.64 -2.72
CA ASP A 191 26.37 32.77 -3.87
C ASP A 191 25.99 31.33 -3.57
N GLY A 192 25.42 31.06 -2.39
CA GLY A 192 25.07 29.72 -1.98
C GLY A 192 26.18 29.02 -1.23
N LEU A 193 26.28 27.71 -1.41
CA LEU A 193 27.28 26.89 -0.75
C LEU A 193 28.39 26.56 -1.75
N THR A 194 29.63 26.82 -1.35
CA THR A 194 30.79 26.48 -2.16
C THR A 194 31.72 25.59 -1.35
N MET A 195 32.06 24.46 -1.92
CA MET A 195 33.06 23.60 -1.26
C MET A 195 34.33 23.90 -2.02
N GLY A 196 35.40 24.21 -1.30
CA GLY A 196 36.68 24.59 -1.92
C GLY A 196 37.43 23.42 -2.50
N LYS A 197 38.59 23.71 -3.11
CA LYS A 197 39.38 22.65 -3.71
C LYS A 197 39.71 21.58 -2.68
N TYR A 198 39.61 20.32 -3.08
CA TYR A 198 40.12 19.24 -2.25
C TYR A 198 40.65 18.16 -3.15
N GLN A 199 41.78 17.57 -2.75
CA GLN A 199 42.43 16.53 -3.52
C GLN A 199 42.11 15.16 -2.92
N PHE A 200 42.02 14.16 -3.79
CA PHE A 200 41.76 12.80 -3.35
C PHE A 200 42.46 11.85 -4.31
N GLN A 201 42.97 10.76 -3.77
CA GLN A 201 43.85 9.85 -4.51
C GLN A 201 43.00 8.77 -5.18
N THR A 202 42.94 8.80 -6.52
CA THR A 202 42.24 7.79 -7.30
C THR A 202 42.51 8.00 -8.79
N SER A 203 42.59 6.90 -9.52
CA SER A 203 42.57 6.90 -10.98
C SER A 203 41.18 6.52 -11.47
N ARG A 204 40.84 7.01 -12.64
CA ARG A 204 39.46 6.81 -13.16
C ARG A 204 39.48 6.22 -14.56
N ILE A 205 38.42 5.50 -14.89
CA ILE A 205 38.26 4.90 -16.23
C ILE A 205 38.32 6.03 -17.26
N VAL A 206 38.20 7.28 -16.82
CA VAL A 206 38.25 8.43 -17.75
C VAL A 206 39.69 8.94 -17.79
N ILE A 209 45.84 6.47 -16.26
CA ILE A 209 45.93 5.46 -15.21
C ILE A 209 46.90 5.91 -14.11
N GLU A 210 48.07 6.43 -14.51
CA GLU A 210 48.93 7.12 -13.55
C GLU A 210 48.35 8.46 -13.10
N ASP A 211 47.26 8.90 -13.72
CA ASP A 211 46.58 10.14 -13.36
C ASP A 211 45.71 9.86 -12.13
N ASP A 212 46.35 9.75 -10.97
CA ASP A 212 45.68 9.42 -9.73
C ASP A 212 45.66 10.59 -8.74
N SER A 213 45.66 11.82 -9.24
CA SER A 213 45.48 13.01 -8.42
C SER A 213 44.43 13.90 -9.08
N TRP A 214 43.26 14.00 -8.46
CA TRP A 214 42.18 14.83 -8.97
C TRP A 214 41.81 15.87 -7.93
N VAL A 215 41.69 17.13 -8.36
N VAL A 215 41.68 17.12 -8.36
CA VAL A 215 41.24 18.21 -7.50
CA VAL A 215 41.24 18.20 -7.50
C VAL A 215 39.79 18.54 -7.88
C VAL A 215 39.80 18.55 -7.87
N ASN A 216 38.92 18.52 -6.88
CA ASN A 216 37.50 18.77 -7.07
C ASN A 216 37.07 19.98 -6.27
N TRP A 217 36.06 20.68 -6.78
CA TRP A 217 35.34 21.69 -6.02
C TRP A 217 33.92 21.71 -6.58
N PHE A 218 33.02 22.33 -5.83
CA PHE A 218 31.66 22.43 -6.35
C PHE A 218 30.94 23.60 -5.70
N ARG A 219 29.83 23.99 -6.34
CA ARG A 219 29.04 25.11 -5.88
C ARG A 219 27.57 24.79 -6.07
N LEU A 220 26.74 25.17 -5.09
CA LEU A 220 25.29 25.16 -5.19
C LEU A 220 24.78 26.58 -4.97
N SER A 221 24.19 27.17 -6.01
CA SER A 221 23.44 28.40 -5.82
C SER A 221 21.98 28.10 -5.51
N HIS A 222 21.56 26.86 -5.74
CA HIS A 222 20.21 26.34 -5.69
C HIS A 222 20.30 25.07 -4.85
N PRO A 223 19.49 24.90 -3.80
CA PRO A 223 19.71 23.78 -2.87
C PRO A 223 19.55 22.40 -3.49
N LEU A 224 18.98 22.29 -4.69
CA LEU A 224 18.80 20.98 -5.33
C LEU A 224 19.56 20.87 -6.65
N CYS A 225 20.48 21.79 -6.93
N CYS A 225 20.54 21.73 -6.88
CA CYS A 225 21.34 21.70 -8.09
CA CYS A 225 21.32 21.69 -8.10
C CYS A 225 22.79 21.84 -7.65
C CYS A 225 22.78 21.94 -7.76
N GLN A 226 23.67 21.14 -8.33
CA GLN A 226 25.09 21.18 -7.97
C GLN A 226 25.95 21.22 -9.23
N TYR A 227 26.88 22.17 -9.25
CA TYR A 227 27.86 22.30 -10.30
C TYR A 227 29.18 21.79 -9.74
N CYS A 228 29.70 20.71 -10.32
N CYS A 228 29.71 20.74 -10.34
CA CYS A 228 30.91 20.06 -9.87
CA CYS A 228 30.91 20.09 -9.82
C CYS A 228 32.01 20.24 -10.90
C CYS A 228 32.02 20.14 -10.86
N VAL A 229 33.22 20.50 -10.42
CA VAL A 229 34.40 20.55 -11.27
C VAL A 229 35.43 19.57 -10.72
N SER A 230 35.93 18.70 -11.59
CA SER A 230 36.92 17.70 -11.21
C SER A 230 38.05 17.80 -12.21
N GLU A 231 39.26 18.10 -11.74
CA GLU A 231 40.34 18.43 -12.64
C GLU A 231 41.60 17.61 -12.32
N SER A 232 42.23 17.12 -13.38
CA SER A 232 43.55 16.52 -13.31
C SER A 232 44.45 17.33 -14.24
N PRO A 233 45.77 17.14 -14.19
CA PRO A 233 46.63 17.79 -15.19
C PRO A 233 46.23 17.46 -16.62
N GLU A 234 45.64 16.30 -16.86
CA GLU A 234 45.35 15.83 -18.21
C GLU A 234 43.98 16.26 -18.73
N MET A 235 43.01 16.59 -17.88
CA MET A 235 41.66 16.80 -18.38
C MET A 235 40.82 17.48 -17.31
N ARG A 236 39.75 18.12 -17.77
CA ARG A 236 38.79 18.79 -16.91
C ARG A 236 37.41 18.24 -17.21
N ILE A 237 36.68 17.86 -16.16
CA ILE A 237 35.34 17.28 -16.27
C ILE A 237 34.43 18.10 -15.37
N VAL A 238 33.32 18.58 -15.92
CA VAL A 238 32.37 19.33 -15.10
C VAL A 238 31.02 18.64 -15.26
N ASP A 239 30.16 18.84 -14.27
CA ASP A 239 28.82 18.28 -14.39
C ASP A 239 27.82 19.16 -13.66
N LEU A 240 26.60 19.12 -14.15
CA LEU A 240 25.47 19.82 -13.53
C LEU A 240 24.51 18.72 -13.09
N MET A 241 24.40 18.50 -11.79
CA MET A 241 23.46 17.54 -11.24
C MET A 241 22.20 18.26 -10.79
N THR A 242 21.05 17.79 -11.25
CA THR A 242 19.79 18.40 -10.91
C THR A 242 18.93 17.34 -10.24
N ILE A 243 18.34 17.68 -9.10
CA ILE A 243 17.49 16.76 -8.35
C ILE A 243 16.08 17.30 -8.40
N ALA A 244 15.18 16.58 -9.08
CA ALA A 244 13.79 16.97 -9.13
C ALA A 244 13.06 16.45 -7.90
N PRO A 245 12.55 17.31 -7.04
CA PRO A 245 11.84 16.82 -5.86
C PRO A 245 10.41 16.42 -6.21
N ILE A 246 10.21 15.12 -6.48
CA ILE A 246 8.88 14.61 -6.79
C ILE A 246 7.92 14.92 -5.63
N ASP A 247 8.31 14.54 -4.42
CA ASP A 247 7.61 14.88 -3.21
C ASP A 247 8.63 14.85 -2.07
N GLU A 248 8.17 14.75 -0.83
CA GLU A 248 9.13 14.82 0.28
C GLU A 248 10.01 13.58 0.39
N ASP A 249 9.64 12.48 -0.26
CA ASP A 249 10.30 11.21 -0.06
C ASP A 249 10.81 10.57 -1.35
N ASN A 250 10.75 11.27 -2.48
CA ASN A 250 11.11 10.68 -3.77
C ASN A 250 11.76 11.74 -4.66
N SER A 251 12.72 11.31 -5.47
CA SER A 251 13.54 12.23 -6.26
C SER A 251 13.81 11.66 -7.64
N VAL A 252 14.07 12.55 -8.60
CA VAL A 252 14.66 12.16 -9.87
C VAL A 252 16.00 12.84 -10.01
N LEU A 253 17.05 12.06 -10.18
CA LEU A 253 18.40 12.58 -10.36
C LEU A 253 18.77 12.54 -11.85
N ARG A 254 19.27 13.66 -12.36
CA ARG A 254 19.84 13.72 -13.70
C ARG A 254 21.21 14.40 -13.62
N MET A 255 22.11 14.02 -14.51
N MET A 255 22.09 14.00 -14.53
CA MET A 255 23.42 14.66 -14.57
CA MET A 255 23.42 14.58 -14.65
C MET A 255 23.79 14.98 -16.01
C MET A 255 23.69 15.02 -16.08
N LEU A 256 24.26 16.21 -16.22
CA LEU A 256 24.79 16.69 -17.49
C LEU A 256 26.29 16.80 -17.30
N ILE A 257 27.05 16.09 -18.13
CA ILE A 257 28.49 15.96 -17.96
C ILE A 257 29.17 16.59 -19.18
N MET A 258 30.18 17.42 -18.93
CA MET A 258 31.00 17.96 -20.01
C MET A 258 32.48 17.78 -19.68
N TRP A 259 33.26 17.54 -20.73
CA TRP A 259 34.67 17.26 -20.56
C TRP A 259 35.41 17.76 -21.80
N ASN A 260 36.67 18.14 -21.62
CA ASN A 260 37.45 18.73 -22.69
C ASN A 260 38.47 17.76 -23.29
N GLY A 261 38.36 16.46 -22.98
CA GLY A 261 39.19 15.45 -23.61
C GLY A 261 38.58 15.01 -24.92
N SER A 262 38.97 13.80 -25.34
CA SER A 262 38.44 13.24 -26.58
C SER A 262 36.95 12.95 -26.44
N GLU A 263 36.20 13.22 -27.52
CA GLU A 263 34.78 12.89 -27.54
C GLU A 263 34.55 11.39 -27.40
N MET A 264 35.56 10.58 -27.70
CA MET A 264 35.42 9.13 -27.66
C MET A 264 35.33 8.58 -26.24
N LEU A 265 35.64 9.38 -25.23
CA LEU A 265 35.51 8.98 -23.84
C LEU A 265 34.06 8.92 -23.36
N GLU A 266 33.07 9.22 -24.22
CA GLU A 266 31.70 9.37 -23.76
C GLU A 266 31.17 8.08 -23.13
N SER A 267 31.38 6.94 -23.79
CA SER A 267 30.88 5.67 -23.26
C SER A 267 31.42 5.39 -21.87
N LYS A 268 32.73 5.61 -21.67
CA LYS A 268 33.35 5.35 -20.37
C LYS A 268 32.85 6.33 -19.33
N MET A 269 32.65 7.59 -19.71
CA MET A 269 32.10 8.57 -18.79
C MET A 269 30.76 8.11 -18.24
N LEU A 270 29.87 7.70 -19.13
CA LEU A 270 28.54 7.28 -18.71
C LEU A 270 28.60 6.01 -17.86
N THR A 271 29.58 5.14 -18.12
CA THR A 271 29.75 3.96 -17.29
C THR A 271 30.23 4.33 -15.89
N GLU A 272 31.23 5.20 -15.79
CA GLU A 272 31.71 5.61 -14.48
C GLU A 272 30.59 6.25 -13.67
N TYR A 273 29.84 7.17 -14.28
CA TYR A 273 28.77 7.82 -13.54
C TYR A 273 27.67 6.84 -13.19
N ASP A 274 27.27 5.98 -14.13
CA ASP A 274 26.23 5.01 -13.82
C ASP A 274 26.66 4.11 -12.66
N GLU A 275 27.90 3.62 -12.66
CA GLU A 275 28.35 2.77 -11.57
C GLU A 275 28.30 3.49 -10.23
N THR A 276 28.80 4.73 -10.18
N THR A 276 28.82 4.72 -10.21
CA THR A 276 28.88 5.41 -8.89
CA THR A 276 28.90 5.52 -8.99
C THR A 276 27.51 5.92 -8.44
C THR A 276 27.52 5.88 -8.47
N ILE A 277 26.65 6.34 -9.37
CA ILE A 277 25.30 6.73 -8.98
C ILE A 277 24.58 5.55 -8.34
N GLU A 278 24.64 4.38 -8.97
CA GLU A 278 23.93 3.24 -8.39
C GLU A 278 24.52 2.84 -7.04
N GLN A 279 25.85 3.03 -6.86
CA GLN A 279 26.44 2.79 -5.54
C GLN A 279 25.86 3.73 -4.50
N ASP A 280 25.69 5.01 -4.85
CA ASP A 280 25.07 5.96 -3.93
C ASP A 280 23.61 5.61 -3.67
N ILE A 281 22.89 5.17 -4.71
CA ILE A 281 21.46 4.89 -4.54
C ILE A 281 21.26 3.74 -3.55
N ARG A 282 22.17 2.76 -3.56
CA ARG A 282 22.06 1.66 -2.60
C ARG A 282 22.05 2.19 -1.16
N ILE A 283 22.89 3.17 -0.87
CA ILE A 283 22.91 3.79 0.46
C ILE A 283 21.68 4.67 0.67
N LEU A 284 21.34 5.52 -0.32
CA LEU A 284 20.21 6.43 -0.16
C LEU A 284 18.93 5.68 0.21
N HIS A 285 18.66 4.56 -0.49
CA HIS A 285 17.43 3.82 -0.23
C HIS A 285 17.37 3.28 1.19
N SER A 286 18.51 3.10 1.86
CA SER A 286 18.58 2.46 3.15
C SER A 286 18.51 3.43 4.33
N GLN A 287 18.72 4.73 4.08
CA GLN A 287 18.87 5.67 5.19
C GLN A 287 17.54 5.95 5.88
N GLN A 288 17.56 5.98 7.20
CA GLN A 288 16.43 6.39 8.00
C GLN A 288 16.87 7.41 9.05
N PRO A 289 16.02 8.39 9.37
CA PRO A 289 14.70 8.62 8.75
C PRO A 289 14.86 9.05 7.30
N ALA A 290 13.80 8.90 6.49
CA ALA A 290 13.94 9.17 5.07
C ALA A 290 14.22 10.65 4.81
N ARG A 291 13.59 11.54 5.56
CA ARG A 291 13.82 12.95 5.36
C ARG A 291 15.12 13.37 6.04
N LEU A 292 15.74 14.41 5.50
CA LEU A 292 17.06 14.84 5.97
C LEU A 292 16.96 15.50 7.35
N PRO A 293 17.66 15.00 8.36
CA PRO A 293 17.60 15.68 9.66
C PRO A 293 18.40 16.98 9.62
N LEU A 294 17.75 18.07 10.00
CA LEU A 294 18.50 19.31 10.14
C LEU A 294 19.21 19.31 11.50
N LEU A 295 20.07 20.31 11.71
CA LEU A 295 20.80 20.39 12.98
C LEU A 295 19.80 20.55 14.12
N ALA A 296 19.65 19.50 14.93
CA ALA A 296 18.47 19.26 15.79
C ALA A 296 17.19 19.31 14.96
N GLY A 304 13.58 6.87 20.37
CA GLY A 304 13.65 6.69 18.92
C GLY A 304 15.05 6.44 18.40
N LEU A 305 15.40 7.07 17.23
CA LEU A 305 16.71 6.89 16.64
C LEU A 305 17.68 7.95 17.17
N PRO A 306 18.97 7.62 17.26
CA PRO A 306 19.95 8.58 17.77
C PRO A 306 20.08 9.79 16.85
N GLN A 307 20.49 10.92 17.44
CA GLN A 307 20.79 12.10 16.68
C GLN A 307 22.03 11.89 15.82
N GLU A 308 22.13 12.61 14.71
CA GLU A 308 23.29 12.49 13.83
C GLU A 308 24.56 12.92 14.56
N ILE A 309 25.68 12.35 14.14
CA ILE A 309 27.03 12.69 14.62
C ILE A 309 27.83 13.28 13.45
N HIS A 310 28.65 14.30 13.75
CA HIS A 310 29.46 14.96 12.73
C HIS A 310 30.93 14.98 13.13
N VAL A 311 31.80 14.70 12.16
CA VAL A 311 33.25 14.78 12.31
C VAL A 311 33.75 15.87 11.38
N PRO A 312 35.02 16.32 11.50
CA PRO A 312 35.44 17.50 10.71
C PRO A 312 35.26 17.36 9.20
N SER A 313 35.44 16.17 8.64
CA SER A 313 35.26 15.97 7.20
C SER A 313 33.78 16.07 6.78
N ASP A 314 32.85 16.21 7.72
CA ASP A 314 31.43 16.47 7.44
C ASP A 314 31.12 17.96 7.36
N ARG A 315 32.14 18.84 7.33
CA ARG A 315 31.88 20.27 7.43
C ARG A 315 31.01 20.75 6.27
N GLY A 316 31.16 20.17 5.09
CA GLY A 316 30.31 20.56 3.97
C GLY A 316 28.88 20.08 4.11
N THR A 317 28.69 18.83 4.56
CA THR A 317 27.31 18.40 4.76
C THR A 317 26.68 19.03 5.99
N VAL A 318 27.49 19.46 6.96
CA VAL A 318 26.94 20.24 8.07
C VAL A 318 26.51 21.62 7.57
N ALA A 319 27.36 22.26 6.76
CA ALA A 319 27.00 23.58 6.22
C ALA A 319 25.76 23.50 5.34
N TYR A 320 25.53 22.37 4.69
CA TYR A 320 24.34 22.20 3.88
C TYR A 320 23.09 22.20 4.74
N ARG A 321 23.12 21.45 5.86
CA ARG A 321 21.99 21.46 6.79
C ARG A 321 21.76 22.86 7.35
N ARG A 322 22.84 23.58 7.65
CA ARG A 322 22.70 24.96 8.15
C ARG A 322 22.12 25.87 7.08
N TRP A 323 22.61 25.72 5.84
CA TRP A 323 22.08 26.51 4.73
C TRP A 323 20.59 26.23 4.52
N LEU A 324 20.17 24.96 4.55
CA LEU A 324 18.76 24.66 4.35
C LEU A 324 17.91 25.33 5.41
N LYS A 325 18.39 25.37 6.65
CA LYS A 325 17.65 26.00 7.74
C LYS A 325 17.55 27.50 7.52
N GLU A 326 18.66 28.15 7.15
CA GLU A 326 18.63 29.59 6.88
C GLU A 326 17.69 29.92 5.73
N LEU A 327 17.66 29.06 4.70
CA LEU A 327 16.77 29.26 3.57
C LEU A 327 15.31 28.99 3.91
N GLY A 328 15.03 28.42 5.09
CA GLY A 328 13.66 28.16 5.48
C GLY A 328 13.03 26.91 4.90
N VAL A 329 13.84 25.91 4.56
CA VAL A 329 13.32 24.66 4.00
C VAL A 329 12.68 23.84 5.11
N THR A 330 11.44 23.41 4.89
CA THR A 330 10.73 22.51 5.78
C THR A 330 10.24 21.25 5.07
N TYR A 331 10.30 21.22 3.75
CA TYR A 331 9.79 20.12 2.94
C TYR A 331 10.91 19.10 2.70
N GLY A 332 10.62 17.83 2.95
CA GLY A 332 11.63 16.81 2.76
C GLY A 332 12.74 16.76 3.81
N VAL A 333 12.57 17.49 4.91
CA VAL A 333 13.57 17.51 5.98
C VAL A 333 12.87 17.22 7.30
N CYS A 334 13.67 16.96 8.33
N CYS A 334 13.67 16.85 8.30
CA CYS A 334 13.14 16.74 9.68
CA CYS A 334 13.14 16.38 9.59
C CYS A 334 14.16 17.17 10.73
C CYS A 334 13.12 17.46 10.65
N MET B 1 -14.34 2.22 5.33
CA MET B 1 -15.08 1.87 6.54
C MET B 1 -16.58 2.01 6.32
N THR B 2 -17.33 2.25 7.38
CA THR B 2 -18.78 2.23 7.34
C THR B 2 -19.36 3.64 7.25
N THR B 3 -20.68 3.69 7.05
CA THR B 3 -21.40 4.94 6.95
C THR B 3 -22.63 4.91 7.83
N ALA B 4 -22.97 6.07 8.37
CA ALA B 4 -24.24 6.26 9.06
C ALA B 4 -25.31 6.82 8.14
N ASP B 5 -24.94 7.18 6.90
CA ASP B 5 -25.92 7.75 5.97
C ASP B 5 -27.12 6.84 5.88
N LEU B 6 -28.28 7.37 6.26
CA LEU B 6 -29.49 6.56 6.31
C LEU B 6 -29.93 6.13 4.92
N ILE B 7 -29.83 7.03 3.94
CA ILE B 7 -30.19 6.69 2.58
C ILE B 7 -29.34 5.53 2.07
N LEU B 8 -28.16 5.28 2.66
CA LEU B 8 -27.37 4.15 2.20
C LEU B 8 -27.60 2.91 3.07
N ILE B 9 -27.54 3.06 4.39
CA ILE B 9 -27.70 1.92 5.29
C ILE B 9 -29.12 1.36 5.24
N ASN B 10 -30.12 2.24 5.19
CA ASN B 10 -31.51 1.77 5.16
C ASN B 10 -32.02 1.60 3.75
N ASN B 11 -31.17 1.17 2.81
CA ASN B 11 -31.56 0.96 1.43
C ASN B 11 -31.07 -0.42 0.99
N TRP B 12 -31.57 -0.86 -0.16
CA TRP B 12 -31.20 -2.16 -0.74
C TRP B 12 -30.07 -2.01 -1.74
N HIS B 13 -29.12 -2.96 -1.72
CA HIS B 13 -27.99 -2.98 -2.65
C HIS B 13 -27.74 -4.38 -3.20
N VAL B 14 -27.47 -4.47 -4.50
CA VAL B 14 -27.09 -5.74 -5.10
C VAL B 14 -25.68 -6.12 -4.66
N VAL B 15 -25.51 -7.36 -4.18
CA VAL B 15 -24.18 -7.86 -3.82
C VAL B 15 -23.78 -9.08 -4.61
N ALA B 16 -24.67 -9.69 -5.38
CA ALA B 16 -24.38 -10.90 -6.14
C ALA B 16 -25.48 -11.13 -7.16
N ASN B 17 -25.20 -12.03 -8.10
CA ASN B 17 -26.17 -12.57 -9.04
C ASN B 17 -26.66 -13.90 -8.48
N VAL B 18 -27.96 -14.17 -8.60
CA VAL B 18 -28.50 -15.40 -8.00
C VAL B 18 -27.81 -16.64 -8.57
N GLU B 19 -27.37 -16.60 -9.84
CA GLU B 19 -26.69 -17.75 -10.42
C GLU B 19 -25.38 -18.10 -9.73
N ASP B 20 -24.80 -17.19 -8.97
CA ASP B 20 -23.58 -17.48 -8.26
C ASP B 20 -23.81 -17.98 -6.84
N CYS B 21 -25.03 -18.23 -6.49
N CYS B 21 -25.06 -18.24 -6.46
CA CYS B 21 -25.36 -18.77 -5.17
CA CYS B 21 -25.41 -18.78 -5.15
C CYS B 21 -26.15 -20.07 -5.38
C CYS B 21 -26.17 -20.09 -5.37
N LYS B 22 -25.42 -21.16 -5.59
CA LYS B 22 -26.03 -22.47 -5.76
C LYS B 22 -26.43 -23.06 -4.41
N PRO B 23 -27.39 -23.98 -4.38
CA PRO B 23 -27.71 -24.66 -3.13
C PRO B 23 -26.45 -25.27 -2.53
N GLY B 24 -26.32 -25.14 -1.21
CA GLY B 24 -25.16 -25.62 -0.51
C GLY B 24 -23.93 -24.76 -0.63
N SER B 25 -24.00 -23.64 -1.33
CA SER B 25 -22.82 -22.82 -1.59
C SER B 25 -22.58 -21.80 -0.50
N ILE B 26 -21.32 -21.35 -0.41
CA ILE B 26 -20.86 -20.24 0.42
C ILE B 26 -20.13 -19.27 -0.48
N THR B 27 -20.54 -18.00 -0.47
CA THR B 27 -19.81 -16.97 -1.21
C THR B 27 -19.68 -15.74 -0.33
N THR B 28 -18.88 -14.77 -0.77
CA THR B 28 -18.61 -13.59 0.05
C THR B 28 -18.87 -12.33 -0.76
N ALA B 29 -19.04 -11.22 -0.04
CA ALA B 29 -19.21 -9.91 -0.64
C ALA B 29 -18.83 -8.87 0.42
N ARG B 30 -18.67 -7.62 -0.03
CA ARG B 30 -18.39 -6.52 0.86
C ARG B 30 -19.33 -5.37 0.50
N LEU B 31 -19.89 -4.72 1.52
CA LEU B 31 -20.90 -3.69 1.26
C LEU B 31 -20.78 -2.62 2.34
N LEU B 32 -20.49 -1.38 1.93
CA LEU B 32 -20.44 -0.26 2.87
C LEU B 32 -19.53 -0.60 4.06
N GLY B 33 -18.38 -1.22 3.75
CA GLY B 33 -17.37 -1.54 4.74
C GLY B 33 -17.65 -2.78 5.57
N VAL B 34 -18.73 -3.50 5.31
CA VAL B 34 -19.11 -4.69 6.06
C VAL B 34 -18.82 -5.91 5.22
N LYS B 35 -18.21 -6.93 5.84
CA LYS B 35 -17.91 -8.18 5.15
C LYS B 35 -19.11 -9.12 5.28
N LEU B 36 -19.56 -9.65 4.15
CA LEU B 36 -20.78 -10.46 4.10
C LEU B 36 -20.46 -11.91 3.75
N VAL B 37 -21.26 -12.82 4.29
CA VAL B 37 -21.25 -14.21 3.87
C VAL B 37 -22.64 -14.54 3.34
N LEU B 38 -22.69 -15.16 2.17
CA LEU B 38 -23.95 -15.56 1.56
C LEU B 38 -23.97 -17.09 1.50
N TRP B 39 -25.04 -17.70 2.01
CA TRP B 39 -25.05 -19.16 1.96
C TRP B 39 -26.47 -19.68 1.79
N ARG B 40 -26.54 -20.92 1.29
CA ARG B 40 -27.80 -21.62 1.08
C ARG B 40 -27.67 -23.07 1.53
N SER B 41 -28.76 -23.60 2.07
CA SER B 41 -28.77 -25.03 2.33
C SER B 41 -28.83 -25.80 1.01
N GLN B 42 -28.60 -27.12 1.11
CA GLN B 42 -28.58 -27.96 -0.09
C GLN B 42 -29.97 -28.19 -0.66
N GLU B 43 -31.02 -27.91 0.11
CA GLU B 43 -32.37 -28.18 -0.36
C GLU B 43 -32.70 -27.38 -1.61
N GLN B 44 -33.51 -27.98 -2.48
CA GLN B 44 -34.04 -27.27 -3.63
C GLN B 44 -34.85 -26.07 -3.16
N ASN B 45 -34.68 -24.95 -3.86
CA ASN B 45 -35.40 -23.71 -3.56
C ASN B 45 -35.05 -23.15 -2.18
N SER B 46 -33.92 -23.52 -1.60
CA SER B 46 -33.53 -22.97 -0.30
C SER B 46 -33.35 -21.47 -0.39
N PRO B 47 -33.71 -20.71 0.65
CA PRO B 47 -33.44 -19.27 0.63
C PRO B 47 -31.95 -18.97 0.77
N ILE B 48 -31.58 -17.73 0.42
CA ILE B 48 -30.22 -17.24 0.59
C ILE B 48 -30.15 -16.46 1.89
N GLN B 49 -29.21 -16.84 2.77
CA GLN B 49 -28.90 -16.06 3.96
C GLN B 49 -27.74 -15.11 3.66
N VAL B 50 -27.84 -13.87 4.14
CA VAL B 50 -26.76 -12.89 4.05
C VAL B 50 -26.49 -12.37 5.45
N TRP B 51 -25.32 -12.68 5.98
CA TRP B 51 -24.93 -12.39 7.35
C TRP B 51 -23.62 -11.63 7.34
N GLN B 52 -23.34 -10.95 8.45
CA GLN B 52 -21.98 -10.48 8.64
C GLN B 52 -21.03 -11.69 8.71
N ASP B 53 -19.89 -11.61 8.01
CA ASP B 53 -19.00 -12.77 7.85
C ASP B 53 -18.13 -12.88 9.10
N TYR B 54 -18.73 -13.43 10.17
CA TYR B 54 -18.10 -13.30 11.48
C TYR B 54 -18.71 -14.23 12.52
N CYS B 55 -17.88 -15.07 13.13
CA CYS B 55 -18.29 -15.90 14.25
C CYS B 55 -17.99 -15.17 15.54
N PRO B 56 -18.98 -14.86 16.38
CA PRO B 56 -18.71 -14.07 17.59
C PRO B 56 -17.97 -14.83 18.70
N HIS B 57 -17.73 -16.13 18.55
CA HIS B 57 -16.94 -16.85 19.55
C HIS B 57 -15.49 -16.33 19.59
N ARG B 58 -14.71 -16.58 18.53
CA ARG B 58 -13.32 -16.11 18.48
C ARG B 58 -13.02 -15.34 17.18
N GLY B 59 -14.04 -14.79 16.52
CA GLY B 59 -13.78 -13.80 15.48
C GLY B 59 -13.29 -14.33 14.14
N VAL B 60 -13.68 -15.55 13.79
CA VAL B 60 -13.31 -16.24 12.55
C VAL B 60 -14.38 -15.97 11.50
N PRO B 61 -14.02 -15.80 10.22
CA PRO B 61 -15.06 -15.65 9.18
C PRO B 61 -15.86 -16.94 9.02
N LEU B 62 -17.18 -16.83 9.11
CA LEU B 62 -18.03 -18.00 8.88
C LEU B 62 -17.90 -18.52 7.45
N SER B 63 -17.48 -17.66 6.50
CA SER B 63 -17.33 -18.10 5.13
C SER B 63 -16.21 -19.12 4.96
N MET B 64 -15.33 -19.26 5.93
CA MET B 64 -14.33 -20.32 5.90
C MET B 64 -14.86 -21.67 6.38
N GLY B 65 -16.15 -21.75 6.74
CA GLY B 65 -16.74 -22.98 7.24
C GLY B 65 -17.38 -23.83 6.16
N GLU B 66 -18.48 -24.48 6.52
CA GLU B 66 -19.18 -25.34 5.57
C GLU B 66 -20.65 -25.42 5.92
N VAL B 67 -21.49 -25.69 4.91
CA VAL B 67 -22.92 -25.87 5.10
C VAL B 67 -23.18 -27.33 5.46
N ALA B 68 -23.89 -27.55 6.57
CA ALA B 68 -24.30 -28.88 6.99
C ALA B 68 -25.79 -28.83 7.27
N ASN B 69 -26.56 -29.65 6.55
N ASN B 69 -26.56 -29.63 6.53
CA ASN B 69 -28.02 -29.61 6.61
CA ASN B 69 -28.02 -29.66 6.65
C ASN B 69 -28.52 -28.19 6.39
C ASN B 69 -28.52 -28.24 6.42
N ASN B 70 -29.29 -27.66 7.35
CA ASN B 70 -29.75 -26.28 7.25
C ASN B 70 -28.95 -25.36 8.16
N THR B 71 -27.65 -25.63 8.33
CA THR B 71 -26.82 -24.81 9.20
C THR B 71 -25.49 -24.48 8.52
N LEU B 72 -24.94 -23.33 8.90
CA LEU B 72 -23.59 -22.94 8.53
C LEU B 72 -22.67 -23.19 9.72
N VAL B 73 -21.54 -23.86 9.50
CA VAL B 73 -20.72 -24.38 10.60
C VAL B 73 -19.37 -23.66 10.60
N CYS B 74 -19.05 -23.02 11.73
N CYS B 74 -19.06 -23.01 11.73
CA CYS B 74 -17.76 -22.34 11.84
CA CYS B 74 -17.76 -22.34 11.84
C CYS B 74 -16.62 -23.35 11.84
C CYS B 74 -16.64 -23.37 11.81
N PRO B 75 -15.53 -23.08 11.11
CA PRO B 75 -14.46 -24.09 11.02
C PRO B 75 -13.62 -24.22 12.28
N TYR B 76 -13.66 -23.24 13.19
CA TYR B 76 -12.67 -23.23 14.28
C TYR B 76 -13.08 -24.18 15.39
N HIS B 77 -14.28 -24.00 15.97
CA HIS B 77 -14.79 -24.92 16.99
C HIS B 77 -16.12 -25.55 16.60
N GLY B 78 -16.54 -25.41 15.35
CA GLY B 78 -17.71 -26.14 14.87
C GLY B 78 -19.06 -25.66 15.36
N TRP B 79 -19.17 -24.44 15.88
CA TRP B 79 -20.50 -23.95 16.23
C TRP B 79 -21.37 -23.90 14.98
N ARG B 80 -22.62 -24.34 15.11
CA ARG B 80 -23.56 -24.45 13.99
C ARG B 80 -24.67 -23.42 14.12
N TYR B 81 -24.91 -22.67 13.04
CA TYR B 81 -25.88 -21.58 13.03
C TYR B 81 -27.00 -21.92 12.07
N ASN B 82 -28.25 -21.82 12.53
CA ASN B 82 -29.36 -22.21 11.69
C ASN B 82 -29.69 -21.09 10.72
N GLN B 83 -30.75 -21.27 9.92
CA GLN B 83 -31.02 -20.28 8.88
C GLN B 83 -31.39 -18.92 9.45
N ALA B 84 -31.91 -18.87 10.67
CA ALA B 84 -32.19 -17.60 11.34
C ALA B 84 -30.96 -17.02 12.02
N GLY B 85 -29.80 -17.66 11.92
CA GLY B 85 -28.57 -17.15 12.51
C GLY B 85 -28.36 -17.54 13.96
N LYS B 86 -29.26 -18.32 14.56
CA LYS B 86 -29.10 -18.72 15.95
C LYS B 86 -28.19 -19.95 16.02
N CYS B 87 -27.22 -19.91 16.94
N CYS B 87 -27.22 -19.91 16.94
CA CYS B 87 -26.39 -21.09 17.18
CA CYS B 87 -26.39 -21.09 17.18
C CYS B 87 -27.24 -22.18 17.82
C CYS B 87 -27.24 -22.18 17.82
N VAL B 88 -27.27 -23.36 17.20
CA VAL B 88 -28.08 -24.47 17.69
C VAL B 88 -27.23 -25.60 18.24
N GLN B 89 -25.90 -25.54 18.09
CA GLN B 89 -25.03 -26.62 18.55
C GLN B 89 -23.64 -26.07 18.85
N ILE B 90 -23.19 -26.26 20.09
CA ILE B 90 -21.80 -26.01 20.47
C ILE B 90 -21.19 -27.38 20.75
N PRO B 91 -20.37 -27.91 19.83
CA PRO B 91 -19.97 -29.33 19.95
C PRO B 91 -19.19 -29.67 21.21
N ALA B 92 -18.45 -28.73 21.78
CA ALA B 92 -17.71 -29.03 23.01
C ALA B 92 -18.65 -29.28 24.18
N HIS B 93 -19.88 -28.81 24.10
CA HIS B 93 -20.85 -28.88 25.20
C HIS B 93 -22.20 -29.25 24.60
N PRO B 94 -22.35 -30.50 24.16
CA PRO B 94 -23.52 -30.85 23.35
C PRO B 94 -24.86 -30.73 24.07
N ASP B 95 -24.86 -30.70 25.40
CA ASP B 95 -26.10 -30.59 26.17
C ASP B 95 -26.36 -29.18 26.69
N MET B 96 -25.45 -28.24 26.49
CA MET B 96 -25.68 -26.91 27.03
C MET B 96 -26.77 -26.20 26.22
N VAL B 97 -27.33 -25.16 26.83
CA VAL B 97 -28.22 -24.23 26.14
C VAL B 97 -27.33 -23.11 25.59
N PRO B 98 -27.21 -22.96 24.27
CA PRO B 98 -26.33 -21.91 23.74
C PRO B 98 -26.81 -20.54 24.19
N PRO B 99 -25.90 -19.66 24.59
CA PRO B 99 -26.32 -18.34 25.07
C PRO B 99 -27.00 -17.56 23.96
N ALA B 100 -27.78 -16.56 24.36
CA ALA B 100 -28.48 -15.76 23.36
C ALA B 100 -27.50 -15.01 22.47
N SER B 101 -26.33 -14.69 23.00
CA SER B 101 -25.29 -13.99 22.24
C SER B 101 -24.71 -14.84 21.12
N ALA B 102 -24.88 -16.15 21.17
CA ALA B 102 -24.36 -17.05 20.15
C ALA B 102 -25.30 -16.97 18.94
N GLN B 103 -25.10 -15.94 18.15
CA GLN B 103 -26.04 -15.56 17.11
C GLN B 103 -25.27 -14.77 16.05
N ALA B 104 -25.45 -15.13 14.79
CA ALA B 104 -24.81 -14.35 13.73
C ALA B 104 -25.60 -13.06 13.50
N LYS B 105 -24.90 -12.03 13.04
CA LYS B 105 -25.60 -10.81 12.67
C LYS B 105 -26.19 -11.01 11.27
N THR B 106 -27.51 -10.97 11.17
CA THR B 106 -28.19 -11.28 9.92
C THR B 106 -28.72 -9.98 9.30
N TYR B 107 -28.79 -9.98 7.96
CA TYR B 107 -29.28 -8.84 7.20
C TYR B 107 -30.47 -9.25 6.32
N HIS B 108 -31.25 -8.24 5.90
CA HIS B 108 -32.37 -8.50 5.02
C HIS B 108 -31.87 -8.83 3.62
N CYS B 109 -32.44 -9.89 3.04
N CYS B 109 -32.52 -9.80 2.98
CA CYS B 109 -32.06 -10.35 1.71
CA CYS B 109 -32.15 -10.06 1.60
C CYS B 109 -33.31 -10.58 0.89
C CYS B 109 -33.35 -10.50 0.78
N GLN B 110 -33.22 -10.31 -0.42
N GLN B 110 -33.50 -9.91 -0.39
CA GLN B 110 -34.37 -10.44 -1.31
CA GLN B 110 -34.45 -10.35 -1.39
C GLN B 110 -33.88 -10.63 -2.73
C GLN B 110 -33.71 -10.80 -2.64
N GLU B 111 -34.33 -11.71 -3.38
CA GLU B 111 -33.94 -11.98 -4.75
C GLU B 111 -34.91 -11.23 -5.66
N ARG B 112 -34.37 -10.39 -6.56
N ARG B 112 -34.37 -10.41 -6.56
CA ARG B 112 -35.23 -9.73 -7.53
CA ARG B 112 -35.22 -9.70 -7.52
C ARG B 112 -34.43 -9.47 -8.79
C ARG B 112 -34.44 -9.43 -8.80
N TYR B 113 -35.08 -9.68 -9.94
CA TYR B 113 -34.45 -9.55 -11.27
C TYR B 113 -33.26 -10.48 -11.41
N GLY B 114 -33.26 -11.58 -10.68
CA GLY B 114 -32.13 -12.49 -10.72
C GLY B 114 -30.92 -12.00 -9.98
N LEU B 115 -31.06 -10.98 -9.14
CA LEU B 115 -29.96 -10.43 -8.38
C LEU B 115 -30.28 -10.54 -6.89
N VAL B 116 -29.21 -10.58 -6.10
CA VAL B 116 -29.30 -10.69 -4.65
C VAL B 116 -29.18 -9.29 -4.06
N TRP B 117 -30.28 -8.81 -3.49
CA TRP B 117 -30.32 -7.51 -2.83
C TRP B 117 -30.23 -7.67 -1.32
N VAL B 118 -29.48 -6.78 -0.67
CA VAL B 118 -29.23 -6.83 0.76
C VAL B 118 -29.53 -5.46 1.36
N CYS B 119 -30.20 -5.43 2.50
CA CYS B 119 -30.32 -4.22 3.30
C CYS B 119 -29.63 -4.46 4.63
N LEU B 120 -28.60 -3.65 4.93
CA LEU B 120 -27.89 -3.75 6.20
C LEU B 120 -28.64 -3.11 7.35
N GLY B 121 -29.65 -2.29 7.08
CA GLY B 121 -30.35 -1.60 8.16
C GLY B 121 -31.83 -1.96 8.23
N ASN B 122 -32.67 -0.93 8.28
CA ASN B 122 -34.12 -1.08 8.31
C ASN B 122 -34.67 -0.63 6.97
N PRO B 123 -35.20 -1.52 6.13
CA PRO B 123 -35.51 -1.14 4.75
C PRO B 123 -36.68 -0.18 4.65
N VAL B 124 -36.38 1.11 4.64
CA VAL B 124 -37.43 2.11 4.49
C VAL B 124 -37.73 2.38 3.01
N ASN B 125 -36.78 2.11 2.13
CA ASN B 125 -36.97 2.27 0.69
C ASN B 125 -37.21 0.91 0.04
N ASP B 126 -37.82 0.95 -1.14
CA ASP B 126 -38.09 -0.27 -1.89
C ASP B 126 -36.98 -0.51 -2.93
N ILE B 127 -36.83 -1.77 -3.31
CA ILE B 127 -35.92 -2.05 -4.43
C ILE B 127 -36.42 -1.30 -5.66
N PRO B 128 -35.55 -0.68 -6.45
CA PRO B 128 -36.00 0.08 -7.63
C PRO B 128 -36.78 -0.78 -8.62
N SER B 129 -37.70 -0.15 -9.34
N SER B 129 -37.72 -0.15 -9.31
CA SER B 129 -38.58 -0.87 -10.26
CA SER B 129 -38.55 -0.83 -10.28
C SER B 129 -37.92 -0.99 -11.63
C SER B 129 -37.77 -1.07 -11.57
N PHE B 130 -38.17 -2.12 -12.29
CA PHE B 130 -37.57 -2.44 -13.59
C PHE B 130 -38.67 -3.09 -14.40
N PRO B 131 -39.51 -2.26 -15.04
CA PRO B 131 -40.79 -2.79 -15.59
C PRO B 131 -40.63 -3.91 -16.60
N GLU B 132 -39.61 -3.85 -17.46
CA GLU B 132 -39.49 -4.82 -18.53
C GLU B 132 -39.14 -6.22 -18.04
N TRP B 133 -38.77 -6.37 -16.77
CA TRP B 133 -38.39 -7.69 -16.26
C TRP B 133 -39.47 -8.73 -16.55
N ASP B 134 -40.74 -8.36 -16.34
CA ASP B 134 -41.85 -9.27 -16.54
C ASP B 134 -42.48 -9.18 -17.94
N ASP B 135 -41.84 -8.50 -18.89
CA ASP B 135 -42.40 -8.40 -20.23
C ASP B 135 -41.84 -9.54 -21.07
N PRO B 136 -42.67 -10.47 -21.54
CA PRO B 136 -42.13 -11.53 -22.43
C PRO B 136 -41.69 -11.03 -23.79
N ASN B 137 -41.99 -9.79 -24.17
CA ASN B 137 -41.41 -9.22 -25.40
C ASN B 137 -39.89 -9.06 -25.30
N TYR B 138 -39.32 -9.11 -24.10
CA TYR B 138 -37.93 -8.69 -23.88
C TYR B 138 -37.05 -9.87 -23.52
N HIS B 139 -35.90 -9.99 -24.18
CA HIS B 139 -34.84 -10.91 -23.79
C HIS B 139 -33.92 -10.23 -22.78
N LYS B 140 -33.17 -11.03 -22.04
CA LYS B 140 -32.28 -10.48 -21.02
C LYS B 140 -30.88 -11.06 -21.13
N THR B 141 -29.91 -10.29 -20.65
CA THR B 141 -28.56 -10.81 -20.41
C THR B 141 -27.92 -10.00 -19.30
N TYR B 142 -26.94 -10.60 -18.61
CA TYR B 142 -26.21 -9.97 -17.52
C TYR B 142 -24.76 -9.73 -17.96
N THR B 143 -24.24 -8.53 -17.78
CA THR B 143 -22.80 -8.36 -17.94
C THR B 143 -22.05 -9.09 -16.83
N LYS B 144 -20.75 -9.30 -17.02
CA LYS B 144 -19.95 -9.66 -15.86
C LYS B 144 -19.92 -8.48 -14.88
N SER B 145 -19.38 -8.74 -13.69
N SER B 145 -19.46 -8.77 -13.67
CA SER B 145 -19.21 -7.70 -12.68
CA SER B 145 -19.21 -7.70 -12.72
C SER B 145 -17.85 -7.01 -12.83
C SER B 145 -17.93 -6.96 -13.13
N TYR B 146 -17.85 -5.68 -12.74
CA TYR B 146 -16.65 -4.88 -12.96
C TYR B 146 -16.23 -4.27 -11.65
N LEU B 147 -15.02 -4.61 -11.18
CA LEU B 147 -14.50 -3.95 -9.99
C LEU B 147 -13.82 -2.65 -10.40
N ILE B 148 -14.24 -1.54 -9.80
CA ILE B 148 -13.77 -0.20 -10.19
C ILE B 148 -13.19 0.49 -8.97
N GLN B 149 -11.93 0.92 -9.07
CA GLN B 149 -11.29 1.70 -8.01
C GLN B 149 -11.70 3.17 -8.15
N ALA B 150 -12.99 3.42 -7.92
CA ALA B 150 -13.52 4.77 -7.84
C ALA B 150 -14.67 4.78 -6.85
N SER B 151 -14.94 5.97 -6.32
CA SER B 151 -16.11 6.18 -5.49
C SER B 151 -17.36 5.71 -6.25
N PRO B 152 -18.29 5.00 -5.59
CA PRO B 152 -19.53 4.63 -6.28
C PRO B 152 -20.31 5.83 -6.80
N PHE B 153 -20.14 7.00 -6.18
CA PHE B 153 -20.86 8.18 -6.67
C PHE B 153 -20.19 8.83 -7.88
N ARG B 154 -18.87 8.71 -8.02
CA ARG B 154 -18.26 9.02 -9.31
C ARG B 154 -18.67 8.03 -10.38
N VAL B 155 -18.78 6.74 -10.03
CA VAL B 155 -19.23 5.78 -11.04
C VAL B 155 -20.62 6.17 -11.54
N MET B 156 -21.53 6.55 -10.64
CA MET B 156 -22.88 6.91 -11.11
C MET B 156 -22.88 8.23 -11.86
N ASP B 157 -22.07 9.20 -11.39
CA ASP B 157 -21.92 10.47 -12.11
C ASP B 157 -21.60 10.23 -13.58
N ASN B 158 -20.62 9.34 -13.83
CA ASN B 158 -20.24 9.02 -15.21
C ASN B 158 -21.38 8.38 -16.00
N SER B 159 -22.26 7.62 -15.33
CA SER B 159 -23.37 7.00 -16.04
C SER B 159 -24.53 7.97 -16.27
N ILE B 160 -24.58 9.07 -15.53
CA ILE B 160 -25.59 10.12 -15.77
C ILE B 160 -25.13 11.07 -16.87
N ASP B 161 -23.82 11.24 -17.01
CA ASP B 161 -23.19 12.09 -18.00
C ASP B 161 -23.52 11.60 -19.41
N VAL B 162 -23.90 12.51 -20.32
CA VAL B 162 -24.15 12.11 -21.71
C VAL B 162 -23.24 12.80 -22.71
N SER B 163 -22.63 13.93 -22.38
CA SER B 163 -21.83 14.65 -23.37
C SER B 163 -20.54 13.94 -23.71
N HIS B 164 -20.09 12.97 -22.89
CA HIS B 164 -18.84 12.28 -23.19
C HIS B 164 -18.96 11.26 -24.33
N PHE B 165 -20.17 10.91 -24.77
CA PHE B 165 -20.32 9.82 -25.74
C PHE B 165 -19.47 10.00 -27.00
N PRO B 166 -19.45 11.16 -27.67
CA PRO B 166 -18.69 11.26 -28.92
C PRO B 166 -17.19 11.27 -28.71
N PHE B 167 -16.73 11.25 -27.47
CA PHE B 167 -15.29 11.30 -27.24
C PHE B 167 -14.82 9.94 -26.78
N ILE B 168 -15.03 9.56 -25.52
CA ILE B 168 -14.48 8.28 -25.12
C ILE B 168 -15.24 7.10 -25.72
N HIS B 169 -16.47 7.30 -26.22
CA HIS B 169 -17.22 6.22 -26.87
C HIS B 169 -17.34 6.45 -28.37
N ASP B 170 -16.45 7.26 -28.95
CA ASP B 170 -16.47 7.50 -30.39
C ASP B 170 -16.47 6.19 -31.16
N GLY B 171 -17.40 6.08 -32.12
CA GLY B 171 -17.58 4.85 -32.87
C GLY B 171 -18.49 3.82 -32.22
N TRP B 172 -18.87 4.01 -30.96
CA TRP B 172 -19.76 3.08 -30.26
C TRP B 172 -21.08 3.73 -29.87
N LEU B 173 -21.04 4.84 -29.15
N LEU B 173 -21.05 4.86 -29.16
CA LEU B 173 -22.23 5.54 -28.69
CA LEU B 173 -22.26 5.54 -28.72
C LEU B 173 -22.28 6.97 -29.18
C LEU B 173 -22.29 6.98 -29.19
N GLY B 174 -21.32 7.38 -30.00
CA GLY B 174 -21.26 8.74 -30.48
C GLY B 174 -20.36 8.78 -31.69
N ASP B 175 -20.25 9.98 -32.24
CA ASP B 175 -19.64 10.22 -33.53
C ASP B 175 -18.85 11.51 -33.41
N ARG B 176 -17.53 11.46 -33.63
CA ARG B 176 -16.71 12.66 -33.45
C ARG B 176 -17.10 13.81 -34.38
N ASN B 177 -18.02 13.60 -35.33
CA ASN B 177 -18.52 14.67 -36.18
C ASN B 177 -19.83 15.26 -35.70
N TYR B 178 -20.44 14.69 -34.65
CA TYR B 178 -21.68 15.20 -34.06
C TYR B 178 -21.42 15.29 -32.57
N THR B 179 -20.69 16.32 -32.16
CA THR B 179 -20.33 16.49 -30.76
C THR B 179 -21.26 17.44 -30.02
N LYS B 180 -22.08 18.21 -30.73
CA LYS B 180 -23.05 19.08 -30.07
C LYS B 180 -24.09 18.25 -29.32
N VAL B 181 -24.45 18.72 -28.14
CA VAL B 181 -25.39 18.00 -27.27
C VAL B 181 -26.71 18.75 -27.32
N GLU B 182 -27.75 18.11 -27.87
CA GLU B 182 -29.05 18.75 -27.93
C GLU B 182 -29.58 19.03 -26.52
N ASP B 183 -30.48 20.02 -26.41
N ASP B 183 -30.46 20.02 -26.42
CA ASP B 183 -31.11 20.34 -25.14
CA ASP B 183 -31.12 20.32 -25.16
C ASP B 183 -31.97 19.17 -24.66
C ASP B 183 -31.90 19.11 -24.66
N PHE B 184 -32.01 18.98 -23.34
CA PHE B 184 -32.84 17.97 -22.70
C PHE B 184 -33.20 18.49 -21.31
N GLU B 185 -34.20 17.87 -20.71
CA GLU B 185 -34.68 18.30 -19.40
C GLU B 185 -34.24 17.30 -18.33
N VAL B 186 -34.10 17.81 -17.10
N VAL B 186 -34.11 17.80 -17.10
CA VAL B 186 -33.83 16.96 -15.96
CA VAL B 186 -33.80 16.98 -15.94
C VAL B 186 -34.73 17.42 -14.81
C VAL B 186 -34.70 17.42 -14.79
N LYS B 187 -35.15 16.47 -13.98
CA LYS B 187 -36.00 16.76 -12.83
C LYS B 187 -35.47 16.03 -11.61
N VAL B 188 -35.49 16.70 -10.47
CA VAL B 188 -35.33 16.05 -9.17
C VAL B 188 -36.64 16.23 -8.41
N ASP B 189 -37.33 15.12 -8.14
CA ASP B 189 -38.64 15.18 -7.43
C ASP B 189 -38.93 13.83 -6.74
N LYS B 190 -40.19 13.64 -6.33
CA LYS B 190 -40.63 12.41 -5.61
C LYS B 190 -40.13 11.15 -6.32
N ASP B 191 -39.92 11.20 -7.64
CA ASP B 191 -39.43 10.02 -8.35
C ASP B 191 -37.93 9.83 -8.22
N GLY B 192 -37.21 10.82 -7.69
CA GLY B 192 -35.76 10.78 -7.65
C GLY B 192 -35.22 11.68 -8.73
N LEU B 193 -34.19 11.23 -9.43
N LEU B 193 -34.15 11.26 -9.41
CA LEU B 193 -33.58 11.98 -10.53
CA LEU B 193 -33.61 12.02 -10.53
C LEU B 193 -33.99 11.37 -11.87
C LEU B 193 -34.05 11.37 -11.84
N THR B 194 -34.63 12.16 -12.72
CA THR B 194 -35.04 11.71 -14.04
C THR B 194 -34.41 12.60 -15.12
N MET B 195 -33.70 12.00 -16.07
CA MET B 195 -33.29 12.71 -17.27
C MET B 195 -34.32 12.42 -18.35
N GLY B 196 -34.95 13.48 -18.85
CA GLY B 196 -35.92 13.35 -19.91
C GLY B 196 -35.28 12.93 -21.21
N LYS B 197 -36.13 12.73 -22.22
CA LYS B 197 -35.65 12.17 -23.48
C LYS B 197 -34.57 13.04 -24.08
N TYR B 198 -33.50 12.39 -24.53
CA TYR B 198 -32.31 13.05 -25.06
C TYR B 198 -31.93 12.36 -26.36
N GLN B 199 -31.97 13.09 -27.47
CA GLN B 199 -31.61 12.54 -28.76
C GLN B 199 -30.15 12.82 -29.10
N PHE B 200 -29.48 11.79 -29.63
CA PHE B 200 -28.08 11.87 -30.00
C PHE B 200 -27.87 11.03 -31.25
N GLN B 201 -26.82 11.36 -31.99
CA GLN B 201 -26.55 10.72 -33.29
C GLN B 201 -25.42 9.71 -33.20
N THR B 202 -25.72 8.46 -33.54
CA THR B 202 -24.75 7.38 -33.64
C THR B 202 -25.45 6.20 -34.29
N SER B 203 -24.74 5.48 -35.14
CA SER B 203 -25.16 4.12 -35.42
C SER B 203 -24.56 3.21 -34.36
N ARG B 204 -25.14 2.04 -34.18
CA ARG B 204 -24.72 1.15 -33.12
C ARG B 204 -24.58 -0.27 -33.65
N ILE B 205 -23.73 -1.04 -32.97
CA ILE B 205 -23.44 -2.40 -33.40
C ILE B 205 -24.65 -3.30 -33.24
N VAL B 206 -25.61 -2.91 -32.41
CA VAL B 206 -26.79 -3.75 -32.17
C VAL B 206 -27.94 -3.44 -33.11
N SER B 207 -27.74 -2.53 -34.06
CA SER B 207 -28.84 -2.21 -35.00
C SER B 207 -28.28 -2.08 -36.42
N HIS B 208 -29.15 -1.66 -37.36
CA HIS B 208 -28.75 -1.47 -38.78
C HIS B 208 -27.94 -0.18 -38.93
N ILE B 209 -27.15 -0.09 -40.00
CA ILE B 209 -26.30 1.09 -40.30
C ILE B 209 -27.10 2.39 -40.38
N GLU B 210 -28.27 2.39 -41.00
CA GLU B 210 -29.00 3.64 -41.15
C GLU B 210 -29.82 4.02 -39.92
N ASP B 211 -29.81 3.21 -38.87
CA ASP B 211 -30.59 3.48 -37.66
C ASP B 211 -29.70 4.29 -36.73
N ASP B 212 -29.55 5.58 -37.05
CA ASP B 212 -28.44 6.36 -36.51
C ASP B 212 -28.91 7.54 -35.66
N SER B 213 -30.14 7.51 -35.16
CA SER B 213 -30.63 8.50 -34.21
C SER B 213 -31.26 7.77 -33.04
N TRP B 214 -30.70 7.97 -31.86
CA TRP B 214 -31.11 7.26 -30.65
C TRP B 214 -31.63 8.27 -29.63
N VAL B 215 -32.49 7.78 -28.73
CA VAL B 215 -33.09 8.63 -27.71
C VAL B 215 -32.95 7.92 -26.38
N ASN B 216 -32.29 8.56 -25.43
CA ASN B 216 -32.11 8.00 -24.10
C ASN B 216 -32.96 8.72 -23.07
N TRP B 217 -33.22 8.03 -21.96
CA TRP B 217 -34.03 8.50 -20.84
C TRP B 217 -33.58 7.67 -19.64
N PHE B 218 -33.56 8.26 -18.45
CA PHE B 218 -33.29 7.40 -17.31
C PHE B 218 -33.89 7.96 -16.05
N ARG B 219 -34.05 7.07 -15.06
CA ARG B 219 -34.52 7.43 -13.73
C ARG B 219 -33.70 6.72 -12.66
N LEU B 220 -33.37 7.47 -11.61
CA LEU B 220 -32.77 6.93 -10.38
C LEU B 220 -33.74 7.25 -9.26
N SER B 221 -34.43 6.23 -8.72
CA SER B 221 -35.08 6.42 -7.44
C SER B 221 -34.13 6.17 -6.29
N HIS B 222 -33.08 5.41 -6.54
CA HIS B 222 -32.03 4.99 -5.65
C HIS B 222 -30.73 5.63 -6.15
N PRO B 223 -29.92 6.27 -5.31
CA PRO B 223 -28.77 7.03 -5.84
C PRO B 223 -27.68 6.18 -6.47
N LEU B 224 -27.68 4.85 -6.28
CA LEU B 224 -26.66 3.98 -6.86
C LEU B 224 -27.24 2.93 -7.80
N CYS B 225 -28.50 3.06 -8.21
N CYS B 225 -28.47 3.13 -8.26
CA CYS B 225 -29.07 2.26 -9.28
CA CYS B 225 -29.12 2.26 -9.24
C CYS B 225 -29.65 3.20 -10.32
C CYS B 225 -29.79 3.13 -10.29
N GLN B 226 -29.64 2.75 -11.57
CA GLN B 226 -30.15 3.54 -12.68
C GLN B 226 -30.93 2.67 -13.64
N TYR B 227 -32.16 3.09 -13.96
CA TYR B 227 -33.00 2.47 -14.98
C TYR B 227 -32.91 3.30 -16.25
N CYS B 228 -32.32 2.73 -17.30
N CYS B 228 -32.29 2.73 -17.28
CA CYS B 228 -32.04 3.48 -18.53
CA CYS B 228 -32.03 3.40 -18.54
C CYS B 228 -32.76 2.86 -19.71
C CYS B 228 -32.91 2.83 -19.64
N VAL B 229 -33.38 3.71 -20.53
CA VAL B 229 -34.13 3.32 -21.71
C VAL B 229 -33.46 3.98 -22.90
N SER B 230 -33.04 3.18 -23.88
N SER B 230 -33.04 3.18 -23.88
CA SER B 230 -32.40 3.65 -25.10
CA SER B 230 -32.40 3.66 -25.10
C SER B 230 -33.21 3.14 -26.28
C SER B 230 -33.21 3.14 -26.28
N GLU B 231 -33.75 4.07 -27.09
CA GLU B 231 -34.76 3.70 -28.07
C GLU B 231 -34.53 4.38 -29.42
N SER B 232 -34.71 3.59 -30.48
CA SER B 232 -34.67 4.06 -31.86
C SER B 232 -35.98 3.67 -32.52
N PRO B 233 -36.24 4.05 -33.78
CA PRO B 233 -37.43 3.52 -34.46
C PRO B 233 -37.39 2.02 -34.68
N GLU B 234 -36.24 1.37 -34.53
CA GLU B 234 -36.12 -0.05 -34.81
C GLU B 234 -36.08 -0.93 -33.57
N MET B 235 -35.64 -0.40 -32.43
CA MET B 235 -35.47 -1.28 -31.27
C MET B 235 -35.47 -0.46 -30.00
N ARG B 236 -35.80 -1.12 -28.90
CA ARG B 236 -35.81 -0.52 -27.58
C ARG B 236 -34.96 -1.39 -26.65
N ILE B 237 -33.99 -0.76 -26.01
CA ILE B 237 -33.08 -1.42 -25.09
C ILE B 237 -33.25 -0.78 -23.72
N VAL B 238 -33.44 -1.59 -22.69
CA VAL B 238 -33.49 -1.05 -21.34
C VAL B 238 -32.41 -1.74 -20.52
N ASP B 239 -31.97 -1.08 -19.46
CA ASP B 239 -31.00 -1.72 -18.58
C ASP B 239 -31.18 -1.22 -17.15
N LEU B 240 -30.76 -2.06 -16.22
CA LEU B 240 -30.74 -1.75 -14.81
C LEU B 240 -29.30 -1.84 -14.37
N MET B 241 -28.68 -0.69 -14.15
N MET B 241 -28.71 -0.70 -14.07
CA MET B 241 -27.31 -0.65 -13.66
CA MET B 241 -27.31 -0.62 -13.67
C MET B 241 -27.33 -0.58 -12.14
C MET B 241 -27.25 -0.49 -12.15
N THR B 242 -26.48 -1.35 -11.49
CA THR B 242 -26.39 -1.36 -10.04
C THR B 242 -24.94 -1.20 -9.64
N ILE B 243 -24.69 -0.31 -8.69
CA ILE B 243 -23.34 -0.01 -8.21
C ILE B 243 -23.29 -0.40 -6.75
N ALA B 244 -22.49 -1.42 -6.44
CA ALA B 244 -22.32 -1.88 -5.08
C ALA B 244 -21.23 -1.06 -4.41
N PRO B 245 -21.52 -0.31 -3.36
CA PRO B 245 -20.50 0.49 -2.70
C PRO B 245 -19.70 -0.33 -1.71
N ILE B 246 -18.59 -0.90 -2.17
CA ILE B 246 -17.72 -1.69 -1.32
C ILE B 246 -17.21 -0.85 -0.16
N ASP B 247 -16.57 0.27 -0.47
CA ASP B 247 -16.26 1.27 0.53
C ASP B 247 -16.35 2.62 -0.16
N GLU B 248 -15.75 3.65 0.43
CA GLU B 248 -15.86 5.00 -0.12
C GLU B 248 -15.16 5.13 -1.46
N ASP B 249 -14.23 4.23 -1.76
CA ASP B 249 -13.33 4.42 -2.88
C ASP B 249 -13.35 3.24 -3.85
N ASN B 250 -14.26 2.29 -3.69
CA ASN B 250 -14.26 1.09 -4.53
C ASN B 250 -15.71 0.64 -4.75
N SER B 251 -15.98 0.11 -5.93
CA SER B 251 -17.35 -0.12 -6.38
C SER B 251 -17.38 -1.38 -7.22
N VAL B 252 -18.54 -2.04 -7.25
CA VAL B 252 -18.76 -3.14 -8.18
C VAL B 252 -19.94 -2.76 -9.07
N LEU B 253 -19.69 -2.67 -10.38
CA LEU B 253 -20.72 -2.30 -11.34
C LEU B 253 -21.28 -3.56 -11.97
N ARG B 254 -22.61 -3.68 -12.00
CA ARG B 254 -23.31 -4.74 -12.74
C ARG B 254 -24.36 -4.11 -13.63
N MET B 255 -24.62 -4.73 -14.78
N MET B 255 -24.61 -4.75 -14.76
CA MET B 255 -25.70 -4.25 -15.64
CA MET B 255 -25.66 -4.34 -15.67
C MET B 255 -26.55 -5.42 -16.11
C MET B 255 -26.56 -5.52 -15.97
N LEU B 256 -27.86 -5.28 -15.94
CA LEU B 256 -28.86 -6.20 -16.45
C LEU B 256 -29.49 -5.54 -17.67
N ILE B 257 -29.35 -6.15 -18.85
CA ILE B 257 -29.71 -5.56 -20.13
C ILE B 257 -30.91 -6.32 -20.68
N MET B 258 -31.95 -5.60 -21.10
CA MET B 258 -33.08 -6.25 -21.76
C MET B 258 -33.40 -5.54 -23.07
N TRP B 259 -33.85 -6.30 -24.07
CA TRP B 259 -34.15 -5.67 -25.35
C TRP B 259 -35.31 -6.36 -26.04
N ASN B 260 -36.05 -5.56 -26.82
CA ASN B 260 -37.23 -6.05 -27.56
C ASN B 260 -36.81 -6.21 -29.01
N GLY B 261 -36.14 -7.31 -29.28
CA GLY B 261 -35.59 -7.58 -30.61
C GLY B 261 -35.10 -9.01 -30.64
N SER B 262 -34.41 -9.36 -31.72
CA SER B 262 -33.99 -10.74 -31.89
C SER B 262 -33.12 -11.20 -30.73
N GLU B 263 -33.40 -12.40 -30.21
N GLU B 263 -33.41 -12.40 -30.22
CA GLU B 263 -32.56 -12.96 -29.16
CA GLU B 263 -32.59 -13.03 -29.19
C GLU B 263 -31.11 -13.16 -29.62
C GLU B 263 -31.15 -13.22 -29.62
N MET B 264 -30.89 -13.24 -30.93
CA MET B 264 -29.54 -13.44 -31.45
C MET B 264 -28.64 -12.24 -31.26
N LEU B 265 -29.19 -11.09 -30.88
CA LEU B 265 -28.39 -9.90 -30.65
C LEU B 265 -27.58 -9.96 -29.35
N GLU B 266 -27.71 -11.03 -28.57
CA GLU B 266 -27.13 -11.06 -27.22
C GLU B 266 -25.61 -10.82 -27.25
N SER B 267 -24.89 -11.51 -28.13
N SER B 267 -24.90 -11.51 -28.13
CA SER B 267 -23.44 -11.36 -28.16
CA SER B 267 -23.44 -11.37 -28.17
C SER B 267 -23.04 -9.94 -28.50
C SER B 267 -23.05 -9.93 -28.51
N LYS B 268 -23.72 -9.32 -29.48
CA LYS B 268 -23.41 -7.94 -29.83
C LYS B 268 -23.73 -6.99 -28.69
N MET B 269 -24.82 -7.26 -27.98
N MET B 269 -24.82 -7.25 -27.97
CA MET B 269 -25.24 -6.41 -26.83
CA MET B 269 -25.25 -6.41 -26.82
C MET B 269 -24.16 -6.44 -25.75
C MET B 269 -24.15 -6.43 -25.76
N LEU B 270 -23.65 -7.62 -25.43
CA LEU B 270 -22.59 -7.74 -24.44
C LEU B 270 -21.29 -7.14 -24.94
N THR B 271 -21.01 -7.21 -26.24
CA THR B 271 -19.78 -6.59 -26.75
C THR B 271 -19.84 -5.06 -26.61
N GLU B 272 -20.97 -4.46 -26.99
CA GLU B 272 -21.08 -3.00 -26.90
C GLU B 272 -20.95 -2.53 -25.46
N TYR B 273 -21.66 -3.18 -24.54
CA TYR B 273 -21.59 -2.74 -23.14
C TYR B 273 -20.19 -2.96 -22.56
N ASP B 274 -19.58 -4.11 -22.84
CA ASP B 274 -18.22 -4.33 -22.35
C ASP B 274 -17.25 -3.28 -22.88
N GLU B 275 -17.32 -2.97 -24.17
CA GLU B 275 -16.40 -1.99 -24.75
C GLU B 275 -16.61 -0.62 -24.12
N THR B 276 -17.85 -0.18 -23.99
CA THR B 276 -18.08 1.17 -23.47
C THR B 276 -17.84 1.23 -21.96
N ILE B 277 -18.20 0.17 -21.21
CA ILE B 277 -17.93 0.18 -19.77
C ILE B 277 -16.42 0.31 -19.51
N GLU B 278 -15.62 -0.42 -20.29
CA GLU B 278 -14.17 -0.33 -20.08
C GLU B 278 -13.64 1.05 -20.45
N GLN B 279 -14.22 1.68 -21.47
CA GLN B 279 -13.81 3.05 -21.80
C GLN B 279 -14.15 4.01 -20.66
N ASP B 280 -15.32 3.83 -20.04
CA ASP B 280 -15.69 4.64 -18.87
C ASP B 280 -14.76 4.37 -17.70
N ILE B 281 -14.35 3.12 -17.49
CA ILE B 281 -13.51 2.80 -16.34
C ILE B 281 -12.14 3.47 -16.47
N ARG B 282 -11.62 3.55 -17.69
CA ARG B 282 -10.33 4.24 -17.87
C ARG B 282 -10.39 5.69 -17.35
N ILE B 283 -11.51 6.38 -17.62
CA ILE B 283 -11.70 7.73 -17.09
C ILE B 283 -11.88 7.70 -15.57
N LEU B 284 -12.81 6.86 -15.08
CA LEU B 284 -13.12 6.78 -13.65
C LEU B 284 -11.87 6.57 -12.81
N HIS B 285 -11.00 5.66 -13.22
CA HIS B 285 -9.79 5.40 -12.43
C HIS B 285 -8.87 6.61 -12.35
N SER B 286 -8.97 7.52 -13.33
CA SER B 286 -8.07 8.68 -13.39
C SER B 286 -8.58 9.90 -12.63
N GLN B 287 -9.88 9.94 -12.30
CA GLN B 287 -10.44 11.18 -11.77
C GLN B 287 -9.93 11.46 -10.36
N GLN B 288 -9.56 12.72 -10.11
CA GLN B 288 -9.22 13.23 -8.79
C GLN B 288 -10.02 14.50 -8.52
N PRO B 289 -10.41 14.75 -7.26
CA PRO B 289 -10.24 13.87 -6.11
C PRO B 289 -11.09 12.60 -6.25
N ALA B 290 -10.77 11.54 -5.50
CA ALA B 290 -11.48 10.28 -5.69
C ALA B 290 -12.96 10.42 -5.36
N ARG B 291 -13.29 11.15 -4.30
CA ARG B 291 -14.69 11.32 -3.92
C ARG B 291 -15.37 12.35 -4.81
N LEU B 292 -16.65 12.11 -5.10
CA LEU B 292 -17.41 13.00 -5.96
C LEU B 292 -17.58 14.37 -5.31
N PRO B 293 -17.15 15.47 -5.95
CA PRO B 293 -17.37 16.80 -5.35
C PRO B 293 -18.83 17.22 -5.49
N LEU B 294 -19.44 17.60 -4.37
CA LEU B 294 -20.80 18.12 -4.41
C LEU B 294 -20.75 19.59 -4.83
N LEU B 295 -21.91 20.23 -4.91
CA LEU B 295 -21.95 21.62 -5.37
C LEU B 295 -21.48 22.53 -4.24
N ALA B 296 -20.88 23.66 -4.63
CA ALA B 296 -20.25 24.56 -3.66
C ALA B 296 -19.78 25.83 -4.35
N PRO B 297 -20.50 26.96 -4.19
CA PRO B 297 -20.10 28.23 -4.78
C PRO B 297 -18.92 28.89 -4.07
N GLY B 304 -6.16 23.68 -2.98
CA GLY B 304 -5.68 22.57 -3.78
C GLY B 304 -6.17 22.61 -5.22
N LEU B 305 -6.82 21.52 -5.64
CA LEU B 305 -7.31 21.42 -7.02
C LEU B 305 -8.42 22.43 -7.27
N PRO B 306 -8.54 22.94 -8.51
CA PRO B 306 -9.61 23.90 -8.80
C PRO B 306 -10.97 23.22 -8.68
N GLN B 307 -11.97 24.02 -8.39
CA GLN B 307 -13.30 23.47 -8.27
C GLN B 307 -13.89 23.19 -9.66
N GLU B 308 -14.90 22.29 -9.68
CA GLU B 308 -15.53 21.87 -10.93
C GLU B 308 -16.21 23.04 -11.65
N ILE B 309 -16.18 22.99 -12.97
CA ILE B 309 -16.93 23.89 -13.85
C ILE B 309 -18.10 23.10 -14.44
N HIS B 310 -19.22 23.80 -14.65
CA HIS B 310 -20.41 23.16 -15.20
C HIS B 310 -20.92 23.97 -16.40
N VAL B 311 -21.32 23.27 -17.46
CA VAL B 311 -21.91 23.88 -18.66
C VAL B 311 -23.33 23.33 -18.79
N PRO B 312 -24.17 23.84 -19.71
CA PRO B 312 -25.60 23.45 -19.67
C PRO B 312 -25.83 21.95 -19.87
N SER B 313 -25.02 21.29 -20.71
CA SER B 313 -25.20 19.86 -20.92
C SER B 313 -24.80 19.03 -19.71
N ASP B 314 -24.20 19.66 -18.67
CA ASP B 314 -24.01 19.02 -17.37
C ASP B 314 -25.25 19.09 -16.47
N ARG B 315 -26.40 19.56 -16.96
CA ARG B 315 -27.51 19.80 -16.04
C ARG B 315 -27.90 18.55 -15.24
N GLY B 316 -27.75 17.36 -15.83
CA GLY B 316 -28.08 16.13 -15.11
C GLY B 316 -27.06 15.74 -14.04
N THR B 317 -25.76 15.91 -14.35
CA THR B 317 -24.74 15.60 -13.36
C THR B 317 -24.71 16.65 -12.25
N VAL B 318 -25.04 17.90 -12.57
CA VAL B 318 -25.23 18.93 -11.55
C VAL B 318 -26.44 18.56 -10.67
N ALA B 319 -27.55 18.22 -11.30
CA ALA B 319 -28.71 17.82 -10.51
C ALA B 319 -28.41 16.63 -9.63
N TYR B 320 -27.55 15.71 -10.09
CA TYR B 320 -27.19 14.56 -9.27
C TYR B 320 -26.45 14.99 -8.01
N ARG B 321 -25.48 15.90 -8.15
CA ARG B 321 -24.77 16.39 -6.98
C ARG B 321 -25.73 17.09 -6.02
N ARG B 322 -26.70 17.83 -6.56
CA ARG B 322 -27.66 18.50 -5.70
C ARG B 322 -28.54 17.49 -4.97
N TRP B 323 -29.01 16.48 -5.69
CA TRP B 323 -29.86 15.44 -5.09
C TRP B 323 -29.13 14.71 -3.96
N LEU B 324 -27.85 14.37 -4.18
CA LEU B 324 -27.08 13.65 -3.15
C LEU B 324 -26.97 14.47 -1.87
N LYS B 325 -26.77 15.79 -2.00
CA LYS B 325 -26.73 16.64 -0.81
C LYS B 325 -28.10 16.69 -0.14
N GLU B 326 -29.18 16.80 -0.94
CA GLU B 326 -30.53 16.76 -0.37
C GLU B 326 -30.79 15.46 0.37
N LEU B 327 -30.25 14.34 -0.11
CA LEU B 327 -30.43 13.04 0.52
C LEU B 327 -29.57 12.88 1.78
N GLY B 328 -28.63 13.79 2.04
CA GLY B 328 -27.75 13.64 3.17
C GLY B 328 -26.55 12.74 2.97
N VAL B 329 -26.18 12.46 1.72
CA VAL B 329 -25.02 11.60 1.47
C VAL B 329 -23.75 12.32 1.88
N THR B 330 -22.92 11.63 2.67
CA THR B 330 -21.59 12.11 3.04
C THR B 330 -20.51 11.10 2.66
N TYR B 331 -20.89 9.86 2.38
CA TYR B 331 -19.99 8.75 2.10
C TYR B 331 -19.54 8.80 0.65
N GLY B 332 -18.23 8.79 0.42
CA GLY B 332 -17.70 8.79 -0.93
C GLY B 332 -17.93 10.05 -1.72
N VAL B 333 -18.28 11.14 -1.05
CA VAL B 333 -18.49 12.46 -1.71
C VAL B 333 -17.67 13.53 -0.96
N CYS B 334 -17.39 14.66 -1.57
CA CYS B 334 -16.55 15.70 -0.95
C CYS B 334 -16.91 17.08 -1.51
N MET C 1 6.61 0.76 15.69
CA MET C 1 5.57 0.21 16.54
C MET C 1 6.19 -0.36 17.83
N THR C 2 6.58 0.52 18.73
CA THR C 2 7.33 0.18 19.94
C THR C 2 6.39 0.10 21.14
N THR C 3 6.89 -0.47 22.24
CA THR C 3 6.10 -0.65 23.45
C THR C 3 6.88 -0.23 24.69
N ALA C 4 6.13 0.16 25.72
CA ALA C 4 6.67 0.40 27.04
C ALA C 4 6.21 -0.63 28.06
N ASP C 5 5.41 -1.62 27.64
CA ASP C 5 5.01 -2.68 28.55
C ASP C 5 6.25 -3.34 29.13
N LEU C 6 6.40 -3.27 30.46
CA LEU C 6 7.59 -3.81 31.11
C LEU C 6 7.68 -5.32 30.93
N ILE C 7 6.54 -6.02 31.05
CA ILE C 7 6.56 -7.47 30.92
C ILE C 7 7.02 -7.88 29.53
N LEU C 8 7.00 -6.96 28.56
CA LEU C 8 7.54 -7.21 27.23
C LEU C 8 8.94 -6.65 27.07
N ILE C 9 9.14 -5.36 27.36
CA ILE C 9 10.45 -4.76 27.09
C ILE C 9 11.51 -5.29 28.03
N ASN C 10 11.13 -5.63 29.27
CA ASN C 10 12.08 -6.13 30.26
C ASN C 10 12.11 -7.66 30.32
N ASN C 11 11.76 -8.32 29.23
CA ASN C 11 11.73 -9.78 29.17
C ASN C 11 12.64 -10.26 28.06
N TRP C 12 12.89 -11.57 28.04
CA TRP C 12 13.72 -12.19 27.01
C TRP C 12 12.84 -12.75 25.89
N HIS C 13 13.30 -12.62 24.65
CA HIS C 13 12.55 -13.11 23.49
C HIS C 13 13.51 -13.79 22.52
N VAL C 14 13.14 -14.97 22.03
CA VAL C 14 13.94 -15.64 21.02
C VAL C 14 13.82 -14.89 19.70
N VAL C 15 14.95 -14.51 19.11
CA VAL C 15 14.97 -13.88 17.80
C VAL C 15 15.67 -14.72 16.74
N ALA C 16 16.32 -15.82 17.10
CA ALA C 16 17.04 -16.64 16.12
C ALA C 16 17.46 -17.94 16.76
N ASN C 17 17.84 -18.88 15.90
CA ASN C 17 18.46 -20.14 16.28
C ASN C 17 19.98 -20.00 16.17
N VAL C 18 20.72 -20.56 17.14
CA VAL C 18 22.17 -20.37 17.17
C VAL C 18 22.84 -20.89 15.90
N GLU C 19 22.28 -21.94 15.30
CA GLU C 19 22.88 -22.45 14.06
C GLU C 19 22.75 -21.47 12.91
N ASP C 20 21.86 -20.48 13.00
CA ASP C 20 21.74 -19.45 11.99
C ASP C 20 22.86 -18.41 12.06
N CYS C 21 23.61 -18.35 13.15
CA CYS C 21 24.60 -17.29 13.38
C CYS C 21 25.99 -17.91 13.42
N LYS C 22 26.56 -18.15 12.24
CA LYS C 22 27.90 -18.70 12.15
C LYS C 22 28.94 -17.61 12.41
N PRO C 23 30.17 -18.01 12.72
CA PRO C 23 31.24 -17.01 12.89
C PRO C 23 31.42 -16.18 11.62
N GLY C 24 31.66 -14.89 11.82
CA GLY C 24 31.83 -13.97 10.71
C GLY C 24 30.55 -13.51 10.05
N SER C 25 29.38 -13.96 10.51
CA SER C 25 28.12 -13.73 9.83
C SER C 25 27.40 -12.48 10.34
N ILE C 26 26.55 -11.93 9.47
CA ILE C 26 25.65 -10.84 9.82
C ILE C 26 24.23 -11.29 9.47
N THR C 27 23.31 -11.20 10.43
CA THR C 27 21.91 -11.48 10.20
C THR C 27 21.05 -10.37 10.80
N THR C 28 19.79 -10.32 10.37
CA THR C 28 18.87 -9.30 10.84
C THR C 28 17.66 -9.94 11.51
N ALA C 29 17.01 -9.16 12.36
CA ALA C 29 15.75 -9.58 12.96
C ALA C 29 14.99 -8.34 13.39
N ARG C 30 13.73 -8.53 13.75
CA ARG C 30 12.89 -7.47 14.28
C ARG C 30 12.24 -7.92 15.56
N LEU C 31 12.19 -7.03 16.55
CA LEU C 31 11.62 -7.37 17.85
C LEU C 31 10.93 -6.13 18.41
N LEU C 32 9.64 -6.24 18.70
CA LEU C 32 8.92 -5.16 19.39
C LEU C 32 9.11 -3.82 18.66
N GLY C 33 9.12 -3.88 17.34
CA GLY C 33 9.24 -2.71 16.51
C GLY C 33 10.64 -2.24 16.25
N VAL C 34 11.65 -2.92 16.80
CA VAL C 34 13.05 -2.52 16.68
C VAL C 34 13.73 -3.40 15.65
N LYS C 35 14.55 -2.79 14.78
CA LYS C 35 15.33 -3.54 13.81
C LYS C 35 16.66 -3.91 14.44
N LEU C 36 17.00 -5.19 14.41
N LEU C 36 17.01 -5.19 14.40
CA LEU C 36 18.17 -5.73 15.06
CA LEU C 36 18.17 -5.72 15.07
C LEU C 36 19.18 -6.21 14.04
C LEU C 36 19.19 -6.24 14.06
N VAL C 37 20.46 -6.10 14.39
CA VAL C 37 21.53 -6.74 13.66
C VAL C 37 22.23 -7.68 14.64
N LEU C 38 22.49 -8.91 14.18
CA LEU C 38 23.19 -9.92 14.96
C LEU C 38 24.48 -10.25 14.23
N TRP C 39 25.61 -10.19 14.93
CA TRP C 39 26.85 -10.50 14.25
C TRP C 39 27.83 -11.16 15.22
N ARG C 40 28.80 -11.86 14.63
CA ARG C 40 29.88 -12.53 15.33
C ARG C 40 31.18 -12.32 14.57
N SER C 41 32.28 -12.12 15.30
CA SER C 41 33.61 -12.16 14.68
C SER C 41 33.89 -13.58 14.17
N GLN C 42 34.91 -13.71 13.32
CA GLN C 42 35.14 -15.02 12.72
C GLN C 42 35.91 -15.97 13.62
N GLU C 43 36.41 -15.49 14.76
CA GLU C 43 37.10 -16.37 15.69
C GLU C 43 36.14 -17.42 16.22
N GLN C 44 36.63 -18.64 16.39
CA GLN C 44 35.78 -19.70 16.89
C GLN C 44 35.25 -19.36 18.27
N ASN C 45 34.02 -19.79 18.55
CA ASN C 45 33.34 -19.58 19.82
C ASN C 45 33.09 -18.10 20.12
N SER C 46 33.16 -17.24 19.11
CA SER C 46 32.93 -15.82 19.32
C SER C 46 31.50 -15.58 19.81
N PRO C 47 31.29 -14.58 20.64
CA PRO C 47 29.95 -14.29 21.13
C PRO C 47 29.09 -13.65 20.05
N ILE C 48 27.78 -13.64 20.29
CA ILE C 48 26.81 -13.00 19.40
C ILE C 48 26.50 -11.60 19.92
N GLN C 49 26.76 -10.58 19.10
CA GLN C 49 26.32 -9.22 19.36
C GLN C 49 24.93 -9.02 18.77
N VAL C 50 24.05 -8.37 19.53
CA VAL C 50 22.72 -8.00 19.05
C VAL C 50 22.54 -6.50 19.30
N TRP C 51 22.47 -5.74 18.21
CA TRP C 51 22.44 -4.28 18.27
C TRP C 51 21.23 -3.74 17.51
N GLN C 52 20.86 -2.49 17.80
CA GLN C 52 19.96 -1.80 16.89
C GLN C 52 20.69 -1.59 15.56
N ASP C 53 20.01 -1.91 14.46
CA ASP C 53 20.62 -1.99 13.14
C ASP C 53 20.67 -0.59 12.54
N TYR C 54 21.66 0.20 12.99
CA TYR C 54 21.66 1.62 12.68
C TYR C 54 23.02 2.24 13.02
N CYS C 55 23.64 2.88 12.05
CA CYS C 55 24.84 3.68 12.31
C CYS C 55 24.43 5.11 12.64
N PRO C 56 24.81 5.65 13.80
CA PRO C 56 24.37 7.01 14.17
C PRO C 56 25.05 8.13 13.39
N HIS C 57 26.00 7.82 12.51
CA HIS C 57 26.64 8.86 11.71
C HIS C 57 25.65 9.45 10.72
N ARG C 58 25.26 8.66 9.71
CA ARG C 58 24.29 9.11 8.72
C ARG C 58 23.12 8.13 8.53
N GLY C 59 22.83 7.30 9.52
CA GLY C 59 21.57 6.56 9.52
C GLY C 59 21.48 5.38 8.57
N VAL C 60 22.60 4.71 8.31
CA VAL C 60 22.68 3.53 7.45
C VAL C 60 22.56 2.27 8.31
N PRO C 61 21.87 1.22 7.87
CA PRO C 61 21.85 -0.03 8.66
C PRO C 61 23.25 -0.65 8.71
N LEU C 62 23.70 -0.96 9.92
CA LEU C 62 25.00 -1.64 10.04
C LEU C 62 24.99 -3.01 9.38
N SER C 63 23.83 -3.63 9.24
CA SER C 63 23.75 -4.96 8.61
C SER C 63 24.15 -4.95 7.14
N MET C 64 24.26 -3.78 6.52
CA MET C 64 24.75 -3.69 5.15
C MET C 64 26.26 -3.64 5.07
N GLY C 65 26.95 -3.67 6.19
CA GLY C 65 28.39 -3.60 6.23
C GLY C 65 29.04 -4.97 6.19
N GLU C 66 30.20 -5.07 6.84
CA GLU C 66 30.92 -6.34 6.85
C GLU C 66 31.62 -6.49 8.19
N VAL C 67 31.89 -7.75 8.55
CA VAL C 67 32.63 -8.07 9.76
C VAL C 67 34.10 -8.12 9.40
N ALA C 68 34.91 -7.33 10.12
CA ALA C 68 36.36 -7.29 9.93
C ALA C 68 37.04 -7.47 11.27
N ASN C 69 37.83 -8.55 11.39
CA ASN C 69 38.51 -8.88 12.65
C ASN C 69 37.50 -9.05 13.77
N ASN C 70 37.55 -8.12 14.74
CA ASN C 70 36.63 -8.09 15.86
C ASN C 70 35.63 -6.95 15.75
N THR C 71 35.35 -6.46 14.54
CA THR C 71 34.55 -5.26 14.38
C THR C 71 33.49 -5.44 13.31
N LEU C 72 32.41 -4.67 13.45
CA LEU C 72 31.41 -4.49 12.41
C LEU C 72 31.64 -3.13 11.77
N VAL C 73 31.78 -3.12 10.44
CA VAL C 73 32.20 -1.94 9.69
C VAL C 73 31.01 -1.44 8.85
N CYS C 74 30.59 -0.20 9.10
N CYS C 74 30.59 -0.21 9.11
CA CYS C 74 29.50 0.39 8.32
CA CYS C 74 29.50 0.38 8.33
C CYS C 74 29.96 0.63 6.89
C CYS C 74 29.98 0.61 6.88
N PRO C 75 29.12 0.34 5.89
CA PRO C 75 29.59 0.45 4.50
C PRO C 75 29.74 1.88 3.99
N TYR C 76 29.12 2.86 4.63
CA TYR C 76 29.04 4.18 3.99
C TYR C 76 30.36 4.94 4.14
N HIS C 77 30.83 5.15 5.37
CA HIS C 77 32.15 5.75 5.58
C HIS C 77 33.10 4.86 6.39
N GLY C 78 32.74 3.59 6.60
CA GLY C 78 33.68 2.64 7.18
C GLY C 78 33.99 2.82 8.65
N TRP C 79 33.14 3.50 9.42
CA TRP C 79 33.32 3.49 10.87
C TRP C 79 33.28 2.06 11.38
N ARG C 80 34.20 1.72 12.28
CA ARG C 80 34.37 0.36 12.80
C ARG C 80 33.96 0.30 14.26
N TYR C 81 33.05 -0.63 14.57
CA TYR C 81 32.48 -0.78 15.89
C TYR C 81 32.96 -2.10 16.50
N ASN C 82 33.52 -2.05 17.69
CA ASN C 82 34.05 -3.28 18.29
C ASN C 82 32.92 -4.09 18.91
N GLN C 83 33.25 -5.25 19.47
CA GLN C 83 32.23 -6.15 20.01
C GLN C 83 31.41 -5.52 21.12
N ALA C 84 31.97 -4.54 21.83
CA ALA C 84 31.23 -3.81 22.86
C ALA C 84 30.34 -2.71 22.29
N GLY C 85 30.41 -2.45 20.99
CA GLY C 85 29.59 -1.42 20.38
C GLY C 85 30.27 -0.07 20.22
N LYS C 86 31.50 0.08 20.72
CA LYS C 86 32.20 1.36 20.64
C LYS C 86 32.84 1.53 19.29
N CYS C 87 32.68 2.72 18.71
CA CYS C 87 33.41 3.03 17.48
C CYS C 87 34.89 3.20 17.81
N VAL C 88 35.74 2.37 17.20
CA VAL C 88 37.17 2.38 17.49
C VAL C 88 37.99 3.02 16.39
N GLN C 89 37.39 3.33 15.24
CA GLN C 89 38.16 3.84 14.11
C GLN C 89 37.22 4.62 13.20
N ILE C 90 37.57 5.86 12.90
CA ILE C 90 36.92 6.65 11.87
C ILE C 90 37.94 6.91 10.76
N PRO C 91 37.84 6.18 9.64
CA PRO C 91 38.94 6.18 8.65
C PRO C 91 39.23 7.53 8.00
N ALA C 92 38.28 8.46 7.95
CA ALA C 92 38.60 9.77 7.40
C ALA C 92 39.56 10.56 8.29
N HIS C 93 39.64 10.18 9.57
CA HIS C 93 40.44 10.88 10.57
C HIS C 93 41.20 9.84 11.37
N PRO C 94 42.22 9.22 10.75
CA PRO C 94 42.84 8.03 11.34
C PRO C 94 43.43 8.26 12.72
N ASP C 95 43.86 9.48 13.03
CA ASP C 95 44.51 9.77 14.30
C ASP C 95 43.56 10.33 15.34
N MET C 96 42.28 10.52 15.00
CA MET C 96 41.31 11.10 15.90
C MET C 96 40.69 10.00 16.76
N VAL C 97 40.43 10.34 18.01
CA VAL C 97 39.66 9.48 18.92
C VAL C 97 38.18 9.74 18.63
N PRO C 98 37.41 8.71 18.25
CA PRO C 98 36.02 8.96 17.87
C PRO C 98 35.25 9.63 19.00
N PRO C 99 34.22 10.42 18.66
CA PRO C 99 33.37 11.00 19.70
C PRO C 99 32.76 9.92 20.58
N ALA C 100 32.52 10.29 21.85
CA ALA C 100 31.96 9.33 22.80
C ALA C 100 30.60 8.82 22.34
N SER C 101 29.84 9.64 21.62
CA SER C 101 28.53 9.26 21.11
C SER C 101 28.60 8.32 19.91
N ALA C 102 29.77 8.14 19.31
CA ALA C 102 29.93 7.19 18.21
C ALA C 102 29.89 5.78 18.80
N GLN C 103 28.66 5.30 19.01
CA GLN C 103 28.36 4.12 19.80
C GLN C 103 27.12 3.45 19.23
N ALA C 104 27.16 2.14 19.02
CA ALA C 104 25.97 1.40 18.65
C ALA C 104 25.11 1.17 19.87
N LYS C 105 23.79 1.15 19.68
CA LYS C 105 22.91 0.81 20.78
C LYS C 105 22.89 -0.71 20.92
N THR C 106 23.34 -1.23 22.06
CA THR C 106 23.53 -2.66 22.25
C THR C 106 22.44 -3.23 23.15
N TYR C 107 22.14 -4.51 22.96
CA TYR C 107 21.11 -5.19 23.72
C TYR C 107 21.68 -6.44 24.40
N HIS C 108 21.00 -6.90 25.44
CA HIS C 108 21.38 -8.14 26.10
C HIS C 108 21.09 -9.33 25.21
N CYS C 109 22.03 -10.27 25.17
CA CYS C 109 21.92 -11.48 24.36
C CYS C 109 22.41 -12.67 25.16
N GLN C 110 21.67 -13.77 25.11
CA GLN C 110 22.06 -14.99 25.81
C GLN C 110 21.65 -16.17 24.96
N GLU C 111 22.56 -17.13 24.80
CA GLU C 111 22.26 -18.38 24.14
C GLU C 111 21.74 -19.38 25.16
N ARG C 112 20.56 -19.94 24.91
CA ARG C 112 20.00 -20.95 25.80
C ARG C 112 19.07 -21.85 25.00
N TYR C 113 19.19 -23.16 25.23
CA TYR C 113 18.45 -24.18 24.50
C TYR C 113 18.80 -24.18 23.01
N GLY C 114 19.97 -23.65 22.65
CA GLY C 114 20.30 -23.50 21.25
C GLY C 114 19.62 -22.36 20.54
N LEU C 115 18.95 -21.47 21.28
CA LEU C 115 18.27 -20.31 20.72
C LEU C 115 18.95 -19.02 21.19
N VAL C 116 18.77 -17.96 20.41
CA VAL C 116 19.33 -16.65 20.71
C VAL C 116 18.24 -15.81 21.38
N TRP C 117 18.40 -15.55 22.68
CA TRP C 117 17.43 -14.76 23.43
C TRP C 117 17.94 -13.33 23.55
N VAL C 118 17.03 -12.36 23.40
CA VAL C 118 17.39 -10.95 23.41
C VAL C 118 16.48 -10.23 24.40
N CYS C 119 17.08 -9.34 25.19
CA CYS C 119 16.33 -8.43 26.06
C CYS C 119 16.64 -7.01 25.65
N LEU C 120 15.60 -6.25 25.28
CA LEU C 120 15.78 -4.86 24.86
C LEU C 120 15.79 -3.89 26.02
N GLY C 121 15.40 -4.32 27.22
CA GLY C 121 15.35 -3.44 28.37
C GLY C 121 16.28 -3.90 29.47
N ASN C 122 15.76 -3.94 30.67
CA ASN C 122 16.55 -4.45 31.80
C ASN C 122 16.10 -5.87 32.02
N PRO C 123 16.98 -6.87 32.04
CA PRO C 123 16.53 -8.24 32.19
C PRO C 123 16.11 -8.62 33.61
N VAL C 124 14.95 -8.14 34.00
CA VAL C 124 14.29 -8.34 35.31
C VAL C 124 13.83 -9.79 35.37
N ASN C 125 13.09 -10.23 34.34
CA ASN C 125 12.62 -11.60 34.30
C ASN C 125 13.74 -12.54 33.85
N ASP C 126 13.49 -13.84 34.00
CA ASP C 126 14.42 -14.86 33.57
C ASP C 126 13.85 -15.64 32.39
N ILE C 127 14.75 -16.28 31.66
CA ILE C 127 14.35 -17.10 30.50
C ILE C 127 13.52 -18.27 31.00
N PRO C 128 12.44 -18.65 30.31
CA PRO C 128 11.62 -19.77 30.81
C PRO C 128 12.44 -21.04 30.94
N SER C 129 12.08 -21.85 31.94
CA SER C 129 12.81 -23.08 32.18
C SER C 129 12.31 -24.19 31.26
N PHE C 130 13.19 -25.17 31.04
CA PHE C 130 12.93 -26.26 30.11
C PHE C 130 13.67 -27.48 30.62
N PRO C 131 13.03 -28.28 31.49
CA PRO C 131 13.79 -29.32 32.22
C PRO C 131 14.42 -30.38 31.33
N GLU C 132 13.72 -30.87 30.31
CA GLU C 132 14.25 -31.97 29.53
C GLU C 132 15.50 -31.61 28.73
N TRP C 133 15.90 -30.33 28.73
CA TRP C 133 17.10 -29.93 28.00
C TRP C 133 18.35 -30.63 28.52
N ASP C 134 18.41 -30.85 29.83
CA ASP C 134 19.56 -31.48 30.49
C ASP C 134 19.44 -32.99 30.59
N ASP C 135 18.46 -33.60 29.93
CA ASP C 135 18.16 -35.01 30.11
C ASP C 135 18.71 -35.80 28.93
N PRO C 136 19.77 -36.61 29.13
CA PRO C 136 20.37 -37.32 27.98
C PRO C 136 19.47 -38.38 27.37
N ASN C 137 18.32 -38.70 27.98
CA ASN C 137 17.40 -39.64 27.36
C ASN C 137 16.48 -38.99 26.35
N TYR C 138 16.51 -37.67 26.21
CA TYR C 138 15.66 -36.96 25.28
C TYR C 138 16.45 -36.48 24.07
N HIS C 139 15.97 -36.81 22.89
CA HIS C 139 16.45 -36.20 21.67
C HIS C 139 15.82 -34.82 21.50
N LYS C 140 16.36 -34.04 20.57
CA LYS C 140 15.84 -32.70 20.34
C LYS C 140 15.71 -32.44 18.84
N THR C 141 14.75 -31.61 18.47
CA THR C 141 14.65 -31.12 17.11
C THR C 141 14.03 -29.73 17.13
N TYR C 142 14.32 -28.97 16.08
CA TYR C 142 13.82 -27.61 15.93
C TYR C 142 12.96 -27.56 14.68
N THR C 143 11.76 -26.98 14.81
CA THR C 143 10.98 -26.69 13.63
C THR C 143 11.60 -25.51 12.89
N LYS C 144 11.22 -25.35 11.63
CA LYS C 144 11.56 -24.12 10.97
C LYS C 144 10.81 -22.97 11.65
N SER C 145 11.20 -21.76 11.32
N SER C 145 11.15 -21.75 11.27
CA SER C 145 10.46 -20.61 11.79
CA SER C 145 10.48 -20.57 11.80
C SER C 145 9.19 -20.44 10.98
C SER C 145 9.26 -20.25 10.95
N TYR C 146 8.16 -19.89 11.62
CA TYR C 146 6.88 -19.60 10.96
C TYR C 146 6.55 -18.12 11.15
N LEU C 147 6.50 -17.37 10.05
CA LEU C 147 6.10 -15.98 10.10
C LEU C 147 4.59 -15.90 9.98
N ILE C 148 3.95 -15.29 10.98
CA ILE C 148 2.48 -15.29 11.09
C ILE C 148 2.02 -13.85 11.14
N GLN C 149 1.11 -13.49 10.23
CA GLN C 149 0.50 -12.16 10.24
C GLN C 149 -0.68 -12.14 11.21
N ALA C 150 -0.36 -12.21 12.49
CA ALA C 150 -1.36 -12.07 13.55
C ALA C 150 -0.64 -11.55 14.80
N SER C 151 -1.41 -10.93 15.68
CA SER C 151 -0.82 -10.45 16.94
C SER C 151 -0.19 -11.61 17.70
N PRO C 152 0.97 -11.41 18.33
CA PRO C 152 1.60 -12.52 19.07
C PRO C 152 0.73 -13.06 20.17
N PHE C 153 -0.17 -12.23 20.72
CA PHE C 153 -1.04 -12.71 21.78
C PHE C 153 -2.21 -13.52 21.23
N ARG C 154 -2.65 -13.22 20.00
CA ARG C 154 -3.61 -14.13 19.34
C ARG C 154 -2.95 -15.46 19.00
N VAL C 155 -1.67 -15.42 18.61
CA VAL C 155 -0.95 -16.68 18.36
C VAL C 155 -0.89 -17.53 19.62
N MET C 156 -0.62 -16.91 20.78
CA MET C 156 -0.52 -17.71 22.00
C MET C 156 -1.89 -18.18 22.45
N ASP C 157 -2.92 -17.33 22.27
CA ASP C 157 -4.31 -17.69 22.56
C ASP C 157 -4.66 -18.98 21.84
N ASN C 158 -4.30 -19.08 20.56
CA ASN C 158 -4.64 -20.27 19.78
C ASN C 158 -3.89 -21.51 20.29
N SER C 159 -2.69 -21.32 20.85
N SER C 159 -2.69 -21.31 20.85
CA SER C 159 -1.96 -22.44 21.42
CA SER C 159 -1.96 -22.44 21.42
C SER C 159 -2.48 -22.87 22.79
C SER C 159 -2.51 -22.88 22.77
N ILE C 160 -3.18 -21.99 23.50
CA ILE C 160 -3.81 -22.36 24.78
C ILE C 160 -5.18 -23.00 24.54
N ASP C 161 -5.87 -22.57 23.49
CA ASP C 161 -7.13 -23.16 23.04
C ASP C 161 -6.97 -24.65 22.77
N VAL C 162 -7.88 -25.46 23.32
CA VAL C 162 -7.84 -26.91 23.14
C VAL C 162 -9.12 -27.48 22.54
N SER C 163 -10.21 -26.71 22.49
CA SER C 163 -11.46 -27.25 21.96
C SER C 163 -11.49 -27.30 20.43
N HIS C 164 -10.52 -26.68 19.75
CA HIS C 164 -10.53 -26.67 18.29
C HIS C 164 -9.95 -27.93 17.68
N PHE C 165 -9.31 -28.79 18.48
CA PHE C 165 -8.61 -29.96 17.95
C PHE C 165 -9.45 -30.82 17.01
N PRO C 166 -10.70 -31.19 17.32
CA PRO C 166 -11.45 -32.08 16.42
C PRO C 166 -11.85 -31.41 15.12
N PHE C 167 -11.70 -30.09 15.01
CA PHE C 167 -12.18 -29.41 13.82
C PHE C 167 -11.00 -29.11 12.89
N ILE C 168 -10.18 -28.10 13.18
CA ILE C 168 -9.11 -27.80 12.23
C ILE C 168 -7.97 -28.80 12.27
N HIS C 169 -7.88 -29.63 13.31
CA HIS C 169 -6.83 -30.65 13.39
C HIS C 169 -7.40 -32.05 13.26
N ASP C 170 -8.59 -32.18 12.68
CA ASP C 170 -9.20 -33.48 12.47
C ASP C 170 -8.25 -34.39 11.69
N GLY C 171 -8.07 -35.61 12.19
CA GLY C 171 -7.12 -36.54 11.60
C GLY C 171 -5.72 -36.44 12.14
N TRP C 172 -5.39 -35.40 12.91
CA TRP C 172 -4.04 -35.21 13.44
C TRP C 172 -4.01 -35.12 14.96
N LEU C 173 -4.72 -34.15 15.56
CA LEU C 173 -4.79 -34.01 17.01
C LEU C 173 -6.17 -34.30 17.57
N GLY C 174 -7.17 -34.43 16.70
CA GLY C 174 -8.53 -34.61 17.15
C GLY C 174 -9.26 -35.50 16.16
N ASP C 175 -10.50 -35.80 16.52
CA ASP C 175 -11.33 -36.74 15.78
C ASP C 175 -12.71 -36.11 15.70
N ARG C 176 -13.20 -35.87 14.49
CA ARG C 176 -14.50 -35.22 14.33
C ARG C 176 -15.64 -35.99 15.00
N ASN C 177 -15.42 -37.26 15.39
CA ASN C 177 -16.46 -38.04 16.05
C ASN C 177 -16.46 -37.87 17.57
N TYR C 178 -15.45 -37.22 18.13
CA TYR C 178 -15.33 -37.02 19.59
C TYR C 178 -15.07 -35.53 19.84
N THR C 179 -16.14 -34.75 19.81
CA THR C 179 -16.02 -33.30 19.88
C THR C 179 -16.24 -32.74 21.28
N LYS C 180 -16.93 -33.48 22.14
CA LYS C 180 -17.15 -33.01 23.50
C LYS C 180 -15.82 -32.83 24.21
N VAL C 181 -15.71 -31.75 24.98
CA VAL C 181 -14.48 -31.43 25.69
C VAL C 181 -14.71 -31.70 27.17
N GLU C 182 -13.96 -32.65 27.72
CA GLU C 182 -14.14 -33.00 29.13
C GLU C 182 -13.61 -31.88 30.02
N ASP C 183 -14.03 -31.91 31.28
CA ASP C 183 -13.61 -30.89 32.24
C ASP C 183 -12.10 -30.96 32.46
N PHE C 184 -11.50 -29.80 32.69
CA PHE C 184 -10.07 -29.70 33.00
C PHE C 184 -9.88 -28.48 33.88
N GLU C 185 -8.70 -28.39 34.48
CA GLU C 185 -8.40 -27.33 35.44
C GLU C 185 -7.39 -26.36 34.85
N VAL C 186 -7.47 -25.10 35.28
CA VAL C 186 -6.46 -24.09 34.94
C VAL C 186 -6.36 -23.12 36.11
N LYS C 187 -5.13 -22.72 36.43
CA LYS C 187 -4.86 -21.76 37.49
C LYS C 187 -3.89 -20.71 36.98
N VAL C 188 -4.05 -19.49 37.48
CA VAL C 188 -3.09 -18.41 37.30
C VAL C 188 -2.65 -17.95 38.68
N ASP C 189 -1.37 -18.19 38.99
CA ASP C 189 -0.75 -17.61 40.18
C ASP C 189 0.49 -16.84 39.72
N LYS C 190 1.49 -16.66 40.58
CA LYS C 190 2.68 -15.94 40.16
C LYS C 190 3.82 -16.88 39.78
N ASP C 191 3.49 -18.13 39.46
CA ASP C 191 4.28 -18.94 38.55
C ASP C 191 3.77 -18.85 37.11
N GLY C 192 2.70 -18.10 36.89
CA GLY C 192 2.13 -17.94 35.58
C GLY C 192 0.80 -18.67 35.40
N LEU C 193 0.57 -19.15 34.19
CA LEU C 193 -0.65 -19.87 33.85
C LEU C 193 -0.32 -21.34 33.71
N THR C 194 -1.14 -22.26 34.26
CA THR C 194 -0.78 -23.71 34.12
C THR C 194 -1.97 -24.63 33.78
N MET C 195 -2.13 -25.01 32.50
CA MET C 195 -3.23 -25.91 32.06
C MET C 195 -3.10 -27.28 32.76
N GLY C 196 -4.19 -27.76 33.37
CA GLY C 196 -4.22 -29.08 34.03
C GLY C 196 -4.38 -30.19 33.00
N LYS C 197 -4.13 -31.44 33.39
CA LYS C 197 -4.12 -32.53 32.42
C LYS C 197 -5.47 -32.64 31.70
N TYR C 198 -5.40 -33.00 30.42
CA TYR C 198 -6.55 -33.15 29.56
C TYR C 198 -6.17 -34.12 28.44
N GLN C 199 -7.18 -34.66 27.77
CA GLN C 199 -6.90 -35.66 26.74
C GLN C 199 -8.04 -35.70 25.73
N PHE C 200 -7.69 -35.94 24.48
N PHE C 200 -7.68 -35.98 24.48
CA PHE C 200 -8.69 -36.02 23.41
CA PHE C 200 -8.65 -36.06 23.40
C PHE C 200 -8.80 -37.43 22.86
C PHE C 200 -8.86 -37.51 22.96
N SER C 213 -4.38 -43.01 25.49
CA SER C 213 -3.83 -42.15 24.45
C SER C 213 -2.93 -41.07 25.04
N TRP C 214 -3.03 -39.86 24.48
CA TRP C 214 -2.15 -38.76 24.84
C TRP C 214 -2.75 -37.93 25.96
N VAL C 215 -1.98 -37.73 27.03
CA VAL C 215 -2.36 -36.88 28.16
C VAL C 215 -1.44 -35.67 28.17
N ASN C 216 -2.04 -34.48 28.16
CA ASN C 216 -1.30 -33.26 27.93
C ASN C 216 -1.52 -32.26 29.06
N TRP C 217 -0.49 -31.44 29.32
CA TRP C 217 -0.60 -30.26 30.16
C TRP C 217 0.45 -29.26 29.70
N PHE C 218 0.33 -28.02 30.17
CA PHE C 218 1.28 -26.99 29.77
C PHE C 218 1.30 -25.85 30.76
N ARG C 219 2.36 -25.04 30.71
CA ARG C 219 2.42 -23.87 31.56
C ARG C 219 3.18 -22.75 30.87
N LEU C 220 2.83 -21.52 31.22
CA LEU C 220 3.49 -20.32 30.74
C LEU C 220 3.92 -19.51 31.95
N SER C 221 5.21 -19.24 32.07
CA SER C 221 5.71 -18.25 33.01
C SER C 221 5.91 -16.90 32.35
N HIS C 222 6.11 -16.92 31.05
CA HIS C 222 6.32 -15.85 30.10
C HIS C 222 5.10 -15.79 29.20
N PRO C 223 4.46 -14.63 28.98
CA PRO C 223 3.19 -14.63 28.24
C PRO C 223 3.32 -15.02 26.76
N LEU C 224 4.54 -15.05 26.21
CA LEU C 224 4.74 -15.45 24.81
C LEU C 224 5.61 -16.70 24.68
N CYS C 225 5.80 -17.47 25.75
N CYS C 225 5.72 -17.49 25.75
CA CYS C 225 6.44 -18.77 25.68
CA CYS C 225 6.45 -18.76 25.73
C CYS C 225 5.55 -19.81 26.36
C CYS C 225 5.62 -19.83 26.41
N GLN C 226 5.54 -21.02 25.80
CA GLN C 226 4.72 -22.11 26.32
C GLN C 226 5.54 -23.40 26.43
N TYR C 227 5.44 -24.04 27.60
CA TYR C 227 6.05 -25.35 27.84
C TYR C 227 4.94 -26.38 27.85
N CYS C 228 4.93 -27.27 26.85
N CYS C 228 4.95 -27.30 26.89
CA CYS C 228 3.91 -28.29 26.71
CA CYS C 228 3.88 -28.27 26.71
C CYS C 228 4.48 -29.65 27.05
C CYS C 228 4.40 -29.69 26.91
N VAL C 229 3.65 -30.50 27.65
CA VAL C 229 3.99 -31.89 27.93
C VAL C 229 2.88 -32.76 27.38
N SER C 230 3.25 -33.77 26.60
CA SER C 230 2.29 -34.70 26.02
C SER C 230 2.81 -36.10 26.29
N GLU C 231 2.01 -36.94 26.92
CA GLU C 231 2.50 -38.22 27.42
C GLU C 231 1.59 -39.36 27.02
N SER C 232 2.20 -40.48 26.68
CA SER C 232 1.54 -41.73 26.33
C SER C 232 2.17 -42.87 27.11
N PRO C 233 1.60 -44.08 27.04
CA PRO C 233 2.32 -45.24 27.58
C PRO C 233 3.63 -45.50 26.87
N GLU C 234 3.72 -45.16 25.58
CA GLU C 234 4.93 -45.42 24.81
C GLU C 234 6.04 -44.44 25.19
N MET C 235 5.80 -43.14 25.01
CA MET C 235 6.83 -42.13 25.19
C MET C 235 6.19 -40.80 25.53
N ARG C 236 7.01 -39.85 25.98
CA ARG C 236 6.51 -38.51 26.25
C ARG C 236 7.31 -37.49 25.46
N ILE C 237 6.60 -36.47 25.01
CA ILE C 237 7.13 -35.40 24.17
C ILE C 237 6.92 -34.09 24.90
N VAL C 238 7.96 -33.25 24.94
CA VAL C 238 7.85 -31.91 25.48
C VAL C 238 8.24 -30.94 24.37
N ASP C 239 7.66 -29.75 24.42
CA ASP C 239 8.10 -28.71 23.49
C ASP C 239 8.10 -27.36 24.19
N LEU C 240 9.01 -26.50 23.74
CA LEU C 240 9.07 -25.11 24.15
C LEU C 240 8.71 -24.29 22.92
N MET C 241 7.52 -23.69 22.96
CA MET C 241 7.10 -22.81 21.85
C MET C 241 7.45 -21.38 22.24
N THR C 242 8.08 -20.67 21.33
CA THR C 242 8.43 -19.28 21.55
C THR C 242 7.79 -18.45 20.44
N ILE C 243 7.20 -17.32 20.83
CA ILE C 243 6.54 -16.43 19.89
C ILE C 243 7.27 -15.10 19.95
N ALA C 244 7.99 -14.78 18.87
CA ALA C 244 8.70 -13.51 18.80
C ALA C 244 7.75 -12.40 18.39
N PRO C 245 7.57 -11.38 19.20
CA PRO C 245 6.64 -10.32 18.82
C PRO C 245 7.32 -9.30 17.93
N ILE C 246 7.17 -9.44 16.60
CA ILE C 246 7.79 -8.49 15.66
C ILE C 246 7.23 -7.09 15.85
N ASP C 247 5.90 -6.97 15.82
CA ASP C 247 5.21 -5.76 16.20
C ASP C 247 3.85 -6.22 16.74
N GLU C 248 2.90 -5.29 16.84
CA GLU C 248 1.61 -5.66 17.41
C GLU C 248 0.80 -6.60 16.52
N ASP C 249 1.20 -6.77 15.26
CA ASP C 249 0.38 -7.46 14.29
C ASP C 249 1.14 -8.57 13.56
N ASN C 250 2.36 -8.89 13.98
CA ASN C 250 3.17 -9.89 13.29
C ASN C 250 4.00 -10.67 14.31
N SER C 251 4.16 -11.98 14.06
CA SER C 251 4.79 -12.89 14.99
C SER C 251 5.70 -13.85 14.24
N VAL C 252 6.71 -14.37 14.95
CA VAL C 252 7.50 -15.51 14.47
C VAL C 252 7.38 -16.64 15.49
N LEU C 253 6.84 -17.76 15.05
CA LEU C 253 6.63 -18.93 15.90
C LEU C 253 7.77 -19.93 15.68
N ARG C 254 8.35 -20.40 16.78
CA ARG C 254 9.34 -21.48 16.77
C ARG C 254 8.96 -22.52 17.81
N MET C 255 9.32 -23.77 17.55
CA MET C 255 9.16 -24.82 18.54
C MET C 255 10.45 -25.63 18.66
N LEU C 256 10.84 -25.88 19.91
CA LEU C 256 11.90 -26.81 20.27
C LEU C 256 11.23 -28.05 20.83
N ILE C 257 11.42 -29.18 20.16
CA ILE C 257 10.70 -30.43 20.46
C ILE C 257 11.71 -31.44 20.99
N MET C 258 11.39 -32.05 22.12
CA MET C 258 12.23 -33.10 22.69
C MET C 258 11.38 -34.32 23.03
N TRP C 259 11.97 -35.51 22.89
CA TRP C 259 11.22 -36.74 23.08
C TRP C 259 12.19 -37.87 23.42
N ASN C 260 11.69 -38.86 24.16
CA ASN C 260 12.52 -39.95 24.68
C ASN C 260 12.28 -41.28 23.97
N GLY C 261 11.66 -41.25 22.79
CA GLY C 261 11.50 -42.44 21.98
C GLY C 261 12.65 -42.59 21.01
N SER C 262 12.45 -43.46 20.02
CA SER C 262 13.46 -43.63 18.97
C SER C 262 13.75 -42.31 18.28
N GLU C 263 15.03 -42.01 18.07
CA GLU C 263 15.43 -40.77 17.41
C GLU C 263 14.94 -40.68 15.98
N MET C 264 14.57 -41.81 15.37
CA MET C 264 14.19 -41.84 13.96
C MET C 264 12.78 -41.30 13.72
N LEU C 265 12.02 -41.04 14.79
CA LEU C 265 10.71 -40.40 14.68
C LEU C 265 10.78 -38.94 14.28
N GLU C 266 11.98 -38.35 14.23
CA GLU C 266 12.12 -36.91 14.05
C GLU C 266 11.40 -36.42 12.81
N SER C 267 11.58 -37.10 11.67
CA SER C 267 10.98 -36.64 10.43
C SER C 267 9.46 -36.62 10.52
N LYS C 268 8.87 -37.60 11.20
CA LYS C 268 7.42 -37.65 11.32
C LYS C 268 6.92 -36.58 12.27
N MET C 269 7.56 -36.45 13.42
CA MET C 269 7.16 -35.43 14.39
C MET C 269 7.18 -34.05 13.76
N LEU C 270 8.25 -33.73 13.04
CA LEU C 270 8.31 -32.47 12.32
C LEU C 270 7.16 -32.33 11.34
N THR C 271 6.74 -33.44 10.72
CA THR C 271 5.64 -33.34 9.77
C THR C 271 4.33 -33.08 10.51
N GLU C 272 4.10 -33.80 11.61
CA GLU C 272 2.86 -33.61 12.38
C GLU C 272 2.77 -32.19 12.92
N TYR C 273 3.87 -31.68 13.48
CA TYR C 273 3.90 -30.29 13.92
C TYR C 273 3.69 -29.33 12.76
N ASP C 274 4.34 -29.58 11.62
CA ASP C 274 4.15 -28.71 10.46
C ASP C 274 2.69 -28.69 10.00
N GLU C 275 2.07 -29.87 9.91
CA GLU C 275 0.68 -29.93 9.46
C GLU C 275 -0.23 -29.10 10.37
N THR C 276 -0.10 -29.28 11.69
CA THR C 276 -1.03 -28.62 12.60
C THR C 276 -0.71 -27.14 12.80
N ILE C 277 0.57 -26.76 12.78
CA ILE C 277 0.90 -25.33 12.80
C ILE C 277 0.26 -24.63 11.61
N GLU C 278 0.36 -25.22 10.42
CA GLU C 278 -0.23 -24.56 9.26
C GLU C 278 -1.76 -24.53 9.34
N GLN C 279 -2.37 -25.57 9.91
CA GLN C 279 -3.82 -25.52 10.14
C GLN C 279 -4.17 -24.36 11.08
N ASP C 280 -3.37 -24.16 12.14
CA ASP C 280 -3.59 -23.03 13.05
C ASP C 280 -3.37 -21.68 12.37
N ILE C 281 -2.34 -21.57 11.52
CA ILE C 281 -2.05 -20.28 10.87
C ILE C 281 -3.20 -19.84 9.97
N ARG C 282 -3.86 -20.80 9.30
CA ARG C 282 -5.01 -20.44 8.48
C ARG C 282 -6.08 -19.73 9.30
N ILE C 283 -6.32 -20.21 10.52
CA ILE C 283 -7.26 -19.53 11.41
C ILE C 283 -6.70 -18.18 11.88
N LEU C 284 -5.44 -18.19 12.34
CA LEU C 284 -4.85 -16.98 12.91
C LEU C 284 -4.91 -15.80 11.95
N HIS C 285 -4.56 -16.04 10.68
CA HIS C 285 -4.56 -14.98 9.68
C HIS C 285 -5.94 -14.38 9.44
N SER C 286 -7.00 -15.12 9.71
CA SER C 286 -8.37 -14.66 9.44
C SER C 286 -9.03 -13.92 10.60
N GLN C 287 -8.50 -14.04 11.81
CA GLN C 287 -9.25 -13.58 12.97
C GLN C 287 -9.28 -12.06 13.02
N GLN C 288 -10.44 -11.52 13.42
CA GLN C 288 -10.59 -10.08 13.56
C GLN C 288 -11.36 -9.83 14.85
N PRO C 289 -11.04 -8.76 15.59
CA PRO C 289 -9.95 -7.81 15.33
C PRO C 289 -8.58 -8.45 15.42
N ALA C 290 -7.56 -7.82 14.84
CA ALA C 290 -6.23 -8.44 14.81
C ALA C 290 -5.65 -8.59 16.20
N ARG C 291 -5.76 -7.56 17.04
CA ARG C 291 -5.31 -7.65 18.42
C ARG C 291 -6.24 -8.55 19.23
N LEU C 292 -5.67 -9.23 20.23
CA LEU C 292 -6.46 -10.11 21.10
C LEU C 292 -7.41 -9.31 21.98
N PRO C 293 -8.71 -9.58 21.96
CA PRO C 293 -9.63 -8.88 22.88
C PRO C 293 -9.46 -9.37 24.32
N LEU C 294 -9.24 -8.42 25.24
CA LEU C 294 -9.21 -8.76 26.66
C LEU C 294 -10.64 -8.80 27.21
N LEU C 295 -10.78 -9.19 28.47
CA LEU C 295 -12.11 -9.31 29.04
C LEU C 295 -12.69 -7.95 29.42
N ALA C 296 -14.01 -7.93 29.63
CA ALA C 296 -14.73 -6.76 30.11
C ALA C 296 -14.41 -5.49 29.32
N PRO C 297 -14.71 -5.47 28.00
CA PRO C 297 -14.40 -4.28 27.20
C PRO C 297 -15.46 -3.18 27.32
N GLY C 304 -16.85 -2.21 14.82
CA GLY C 304 -18.24 -2.61 14.74
C GLY C 304 -18.43 -4.11 14.77
N LEU C 305 -17.67 -4.78 15.63
CA LEU C 305 -17.69 -6.24 15.79
C LEU C 305 -18.19 -6.61 17.18
N PRO C 306 -19.03 -7.63 17.31
CA PRO C 306 -19.56 -8.01 18.62
C PRO C 306 -18.45 -8.52 19.53
N GLN C 307 -18.74 -8.48 20.83
CA GLN C 307 -17.82 -8.95 21.87
C GLN C 307 -17.72 -10.48 21.88
N GLU C 308 -16.59 -10.99 22.35
CA GLU C 308 -16.36 -12.43 22.41
C GLU C 308 -17.36 -13.13 23.31
N ILE C 309 -17.58 -14.41 23.02
CA ILE C 309 -18.40 -15.31 23.82
C ILE C 309 -17.48 -16.36 24.43
N HIS C 310 -17.77 -16.78 25.66
CA HIS C 310 -16.99 -17.80 26.34
C HIS C 310 -17.87 -18.94 26.85
N VAL C 311 -17.42 -20.16 26.62
CA VAL C 311 -18.09 -21.37 27.11
C VAL C 311 -17.13 -22.05 28.08
N PRO C 312 -17.56 -23.07 28.84
CA PRO C 312 -16.66 -23.63 29.87
C PRO C 312 -15.31 -24.10 29.35
N SER C 313 -15.27 -24.75 28.18
CA SER C 313 -14.00 -25.22 27.63
C SER C 313 -13.07 -24.08 27.22
N ASP C 314 -13.54 -22.83 27.23
CA ASP C 314 -12.67 -21.67 27.05
C ASP C 314 -11.99 -21.26 28.35
N ARG C 315 -12.09 -22.04 29.43
CA ARG C 315 -11.57 -21.55 30.71
C ARG C 315 -10.09 -21.17 30.63
N GLY C 316 -9.31 -21.88 29.81
CA GLY C 316 -7.89 -21.54 29.70
C GLY C 316 -7.63 -20.26 28.93
N THR C 317 -8.36 -20.04 27.84
CA THR C 317 -8.14 -18.80 27.10
C THR C 317 -8.75 -17.60 27.83
N VAL C 318 -9.81 -17.83 28.61
CA VAL C 318 -10.33 -16.79 29.50
C VAL C 318 -9.28 -16.46 30.56
N ALA C 319 -8.70 -17.49 31.18
CA ALA C 319 -7.63 -17.28 32.16
C ALA C 319 -6.47 -16.52 31.55
N TYR C 320 -6.16 -16.79 30.28
CA TYR C 320 -5.05 -16.11 29.62
C TYR C 320 -5.34 -14.62 29.44
N ARG C 321 -6.57 -14.29 29.03
CA ARG C 321 -6.93 -12.87 28.92
C ARG C 321 -6.89 -12.19 30.28
N ARG C 322 -7.33 -12.88 31.35
CA ARG C 322 -7.24 -12.29 32.69
C ARG C 322 -5.78 -12.07 33.10
N TRP C 323 -4.91 -13.03 32.77
CA TRP C 323 -3.50 -12.92 33.12
C TRP C 323 -2.85 -11.73 32.44
N LEU C 324 -3.12 -11.56 31.14
CA LEU C 324 -2.51 -10.45 30.40
C LEU C 324 -2.94 -9.10 30.95
N LYS C 325 -4.17 -8.98 31.42
CA LYS C 325 -4.60 -7.72 32.03
C LYS C 325 -3.84 -7.46 33.33
N GLU C 326 -3.72 -8.49 34.19
CA GLU C 326 -2.95 -8.34 35.43
C GLU C 326 -1.50 -7.99 35.14
N LEU C 327 -0.91 -8.58 34.10
CA LEU C 327 0.44 -8.22 33.70
C LEU C 327 0.52 -6.81 33.12
N GLY C 328 -0.61 -6.19 32.80
CA GLY C 328 -0.60 -4.86 32.24
C GLY C 328 -0.28 -4.77 30.76
N VAL C 329 -0.54 -5.84 29.99
CA VAL C 329 -0.23 -5.82 28.58
C VAL C 329 -1.20 -4.88 27.86
N THR C 330 -0.64 -4.01 27.01
CA THR C 330 -1.41 -3.15 26.13
C THR C 330 -1.03 -3.32 24.66
N TYR C 331 0.11 -3.97 24.39
CA TYR C 331 0.65 -4.14 23.05
C TYR C 331 0.02 -5.36 22.40
N GLY C 332 -0.53 -5.20 21.20
CA GLY C 332 -1.10 -6.34 20.51
C GLY C 332 -2.37 -6.88 21.11
N VAL C 333 -2.96 -6.11 22.01
CA VAL C 333 -4.24 -6.53 22.62
C VAL C 333 -5.23 -5.36 22.51
N CYS C 334 -6.49 -5.67 22.66
CA CYS C 334 -7.55 -4.64 22.66
C CYS C 334 -8.53 -4.99 23.78
FE1 FES D . -14.73 17.18 -19.29
FE2 FES D . -12.02 17.44 -19.38
S1 FES D . -13.48 18.07 -20.88
S2 FES D . -13.25 16.37 -17.86
C1 GOL E . 11.43 20.78 -33.72
O1 GOL E . 11.27 19.83 -34.73
C2 GOL E . 12.64 20.37 -32.87
O2 GOL E . 12.72 21.12 -31.70
C3 GOL E . 12.44 18.86 -32.60
O3 GOL E . 13.07 18.59 -31.40
C1 GOL F . 16.31 33.60 -16.89
O1 GOL F . 15.10 33.14 -16.36
C2 GOL F . 17.42 33.16 -15.89
O2 GOL F . 17.06 32.02 -15.23
C3 GOL F . 18.66 32.91 -16.75
O3 GOL F . 19.53 33.98 -16.56
C1 GOL G . 38.18 17.60 -29.34
O1 GOL G . 38.41 17.44 -27.97
C2 GOL G . 38.79 16.37 -30.04
O2 GOL G . 39.54 15.58 -29.16
C3 GOL G . 37.59 15.63 -30.67
O3 GOL G . 37.30 14.53 -29.85
C1 GOL H . -25.81 25.51 -27.98
O1 GOL H . -25.75 24.30 -27.25
C2 GOL H . -24.38 26.12 -27.97
O2 GOL H . -23.72 25.98 -29.17
C3 GOL H . -24.55 27.59 -27.52
O3 GOL H . -24.74 27.57 -26.13
FE FE I . 28.86 9.08 -3.98
S SO4 J . -10.33 19.85 -36.18
O1 SO4 J . -11.72 19.67 -35.75
O2 SO4 J . -10.19 19.36 -37.55
O3 SO4 J . -9.43 19.11 -35.31
O4 SO4 J . -9.98 21.27 -36.14
S SO4 K . -1.14 32.15 -31.34
O1 SO4 K . -2.57 31.90 -31.16
O2 SO4 K . -0.37 30.93 -31.03
O3 SO4 K . -0.91 32.52 -32.74
O4 SO4 K . -0.72 33.22 -30.45
S SO4 L . 37.38 28.19 -6.05
O1 SO4 L . 36.47 28.78 -7.02
O2 SO4 L . 36.64 27.24 -5.21
O3 SO4 L . 38.45 27.47 -6.75
O4 SO4 L . 37.96 29.23 -5.21
S SO4 M . 21.05 11.04 21.27
O1 SO4 M . 19.83 11.58 20.69
O2 SO4 M . 20.74 9.81 22.00
O3 SO4 M . 22.00 10.74 20.19
O4 SO4 M . 21.65 12.02 22.19
S SO4 N . 23.19 -5.06 0.61
O1 SO4 N . 21.98 -4.68 1.28
O2 SO4 N . 23.12 -6.45 0.25
O3 SO4 N . 23.35 -4.26 -0.57
O4 SO4 N . 24.31 -4.84 1.49
FE1 FES O . -15.19 -20.81 17.72
FE2 FES O . -16.35 -20.01 15.37
S1 FES O . -16.81 -21.77 16.59
S2 FES O . -14.59 -19.14 16.35
C1 GOL P . -38.82 -11.39 -9.26
O1 GOL P . -37.73 -10.58 -9.70
C2 GOL P . -38.45 -12.80 -9.53
O2 GOL P . -37.11 -13.06 -9.40
C3 GOL P . -38.98 -13.11 -10.93
O3 GOL P . -38.24 -14.23 -11.38
C1 GOL Q . -10.56 11.32 -2.07
O1 GOL Q . -11.55 12.29 -2.12
C2 GOL Q . -9.26 12.06 -1.84
O2 GOL Q . -9.50 13.23 -1.14
C3 GOL Q . -8.67 12.35 -3.27
O3 GOL Q . -8.11 11.17 -3.76
C1 GOL R . -34.87 -22.08 10.61
O1 GOL R . -33.81 -21.44 11.25
C2 GOL R . -34.55 -23.60 10.49
O2 GOL R . -34.16 -24.17 11.71
C3 GOL R . -33.46 -23.71 9.39
O3 GOL R . -32.21 -23.68 10.01
FE FE S . -19.92 6.23 -20.79
S SO4 T . -30.79 24.76 -18.51
O1 SO4 T . -32.22 24.63 -18.82
O2 SO4 T . -30.35 23.53 -17.83
O3 SO4 T . -30.02 24.94 -19.74
O4 SO4 T . -30.57 25.92 -17.65
S SO4 U . -4.03 6.03 -20.73
O1 SO4 U . -4.63 7.16 -21.43
O2 SO4 U . -5.05 5.35 -19.92
O3 SO4 U . -3.48 5.08 -21.70
O4 SO4 U . -2.96 6.51 -19.85
S SO4 V . -21.12 -29.74 29.85
O1 SO4 V . -22.46 -29.44 29.36
O2 SO4 V . -21.20 -30.90 30.75
O3 SO4 V . -20.24 -30.06 28.73
O4 SO4 V . -20.58 -28.55 30.54
S SO4 W . -32.35 -24.05 -7.18
O1 SO4 W . -33.17 -24.33 -8.36
O2 SO4 W . -32.62 -25.06 -6.16
O3 SO4 W . -30.94 -24.06 -7.56
O4 SO4 W . -32.71 -22.72 -6.67
FE1 FES X . 27.95 4.73 9.07
FE2 FES X . 28.83 7.15 8.03
S1 FES X . 26.78 6.27 8.02
S2 FES X . 30.02 5.45 8.81
C1 GOL Y . 24.34 -26.35 26.13
O1 GOL Y . 24.71 -25.72 24.95
C2 GOL Y . 23.94 -25.24 27.14
O2 GOL Y . 23.25 -25.75 28.22
C3 GOL Y . 23.10 -24.24 26.33
O3 GOL Y . 21.97 -23.92 27.09
C1 GOL Z . -9.67 -20.65 2.55
O1 GOL Z . -10.60 -21.46 3.20
C2 GOL Z . -8.38 -20.70 3.40
O2 GOL Z . -8.65 -20.54 4.74
C3 GOL Z . -7.47 -19.56 2.87
O3 GOL Z . -6.34 -19.51 3.69
FE FE AA . -4.16 -25.84 17.06
S SO4 BA . 36.43 -6.13 20.99
O1 SO4 BA . 35.46 -5.41 21.83
O2 SO4 BA . 35.86 -6.37 19.67
O3 SO4 BA . 36.75 -7.40 21.62
O4 SO4 BA . 37.66 -5.33 20.85
S SO4 CA . 5.01 -34.47 34.17
O1 SO4 CA . 3.74 -33.75 34.31
O2 SO4 CA . 4.81 -35.87 34.54
O3 SO4 CA . 5.46 -34.38 32.80
O4 SO4 CA . 6.01 -33.86 35.05
S SO4 DA . 17.32 -44.50 19.95
O1 SO4 DA . 17.01 -43.73 21.15
O2 SO4 DA . 16.36 -45.58 19.77
O3 SO4 DA . 18.68 -45.04 20.04
O4 SO4 DA . 17.26 -43.62 18.77
#